data_5OHX
#
_entry.id   5OHX
#
_cell.length_a   86.143
_cell.length_b   96.099
_cell.length_c   180.684
_cell.angle_alpha   90.00
_cell.angle_beta   90.00
_cell.angle_gamma   90.00
#
_symmetry.space_group_name_H-M   'P 21 21 21'
#
loop_
_entity.id
_entity.type
_entity.pdbx_description
1 polymer 'Cystathionine beta-synthase'
2 non-polymer 'PROTOPORPHYRIN IX CONTAINING FE'
3 non-polymer "PYRIDOXAL-5'-PHOSPHATE"
#
_entity_poly.entity_id   1
_entity_poly.type   'polypeptide(L)'
_entity_poly.pdbx_seq_one_letter_code
;MEFKQPNRPSYCTWELNATNSPHTCRTKNGDYTKIMPDILTAIGQTPLIKLNNIPKSYGIKCEIYAKCEFLNPGGSVKDR
IAYRMIQDAEDKGLLKPGCTIIEPTSGNTGIGLAMAAAVRGYKCIIVMPEKMSDEKISTLYALGAKIIRTPTEASWHSPE
AHISVAQKLQKEIPNSIILDQYTNPGNPLAHYDQTAIEIWKQCEGKIDYLVAGAGTGGTISGIGRKLKELSPNIKIIAVD
PKGSILDPSSDSQNEVGFYEVEGIGYDFIPTVLDRNVIDKWIKTEDNESLNAARMLIRQEGLLCGGSSGAALIAALKIAK
DIPEEKRMVIILPDGIRNYLTKFVSEYWMETRGFLQPVCQNEMNKWWWNMKISNLSFDKQSLLKENTVTCQEAMHMLKNA
DSQLLVISDDNIHIKGVISLNKLTSYVISGIVKCTDFVDKAMVKQYVKVKHSATLGYISRVLEKEPYVIILDDEHDDAFI
GIVNQFHILQFITKNGTSNNYLIN
;
_entity_poly.pdbx_strand_id   A,B
#
# COMPACT_ATOMS: atom_id res chain seq x y z
N GLN A 5 29.13 -17.82 -0.75
CA GLN A 5 28.22 -18.66 0.02
C GLN A 5 27.73 -17.95 1.28
N PRO A 6 26.42 -17.67 1.35
CA PRO A 6 25.88 -17.04 2.56
C PRO A 6 25.85 -17.95 3.77
N ASN A 7 25.90 -19.26 3.59
CA ASN A 7 25.80 -20.21 4.69
C ASN A 7 27.15 -20.59 5.29
N ARG A 8 28.25 -19.97 4.82
CA ARG A 8 29.56 -20.29 5.35
C ARG A 8 29.64 -19.91 6.83
N PRO A 9 30.53 -20.55 7.60
CA PRO A 9 30.68 -20.16 9.00
C PRO A 9 31.36 -18.81 9.13
N SER A 10 31.04 -18.11 10.22
CA SER A 10 31.56 -16.77 10.45
C SER A 10 32.98 -16.83 10.99
N TYR A 11 33.83 -15.92 10.50
CA TYR A 11 35.19 -15.77 10.99
C TYR A 11 35.30 -14.69 12.07
N CYS A 12 34.18 -14.08 12.47
CA CYS A 12 34.23 -12.98 13.44
C CYS A 12 34.79 -13.47 14.77
N THR A 13 35.79 -12.77 15.28
CA THR A 13 36.47 -13.13 16.52
C THR A 13 35.89 -12.41 17.74
N TRP A 14 34.81 -11.66 17.56
CA TRP A 14 34.20 -10.93 18.68
C TRP A 14 33.86 -11.86 19.84
N GLU A 15 34.14 -11.39 21.04
CA GLU A 15 33.62 -11.98 22.27
C GLU A 15 33.08 -10.86 23.15
N LEU A 16 32.34 -11.26 24.18
CA LEU A 16 31.59 -10.30 24.99
C LEU A 16 32.52 -9.27 25.62
N ASN A 17 32.18 -7.99 25.44
CA ASN A 17 32.91 -6.86 26.02
C ASN A 17 34.33 -6.72 25.46
N ALA A 18 34.53 -7.06 24.20
CA ALA A 18 35.83 -6.90 23.57
C ALA A 18 36.03 -5.46 23.13
N THR A 19 37.28 -5.01 23.16
CA THR A 19 37.60 -3.58 22.97
C THR A 19 37.91 -3.24 21.52
N ASN A 20 39.07 -3.67 21.03
CA ASN A 20 39.55 -3.23 19.72
C ASN A 20 38.86 -4.03 18.62
N SER A 21 38.16 -3.32 17.72
CA SER A 21 37.39 -3.96 16.67
C SER A 21 37.78 -3.41 15.30
N PRO A 22 37.86 -4.27 14.28
CA PRO A 22 38.17 -3.77 12.93
C PRO A 22 37.03 -2.99 12.28
N HIS A 23 35.79 -3.22 12.71
CA HIS A 23 34.63 -2.65 12.06
C HIS A 23 34.47 -1.16 12.40
N THR A 24 33.75 -0.46 11.53
CA THR A 24 33.40 0.92 11.77
C THR A 24 32.33 1.03 12.86
N CYS A 25 32.23 2.22 13.46
CA CYS A 25 31.23 2.51 14.48
C CYS A 25 30.43 3.74 14.10
N ARG A 26 29.14 3.57 13.86
CA ARG A 26 28.23 4.68 13.56
C ARG A 26 27.28 4.85 14.73
N THR A 27 27.41 5.96 15.45
CA THR A 27 26.54 6.20 16.60
C THR A 27 25.17 6.71 16.16
N LYS A 28 25.12 7.89 15.53
CA LYS A 28 23.87 8.53 15.15
CA LYS A 28 23.87 8.53 15.15
C LYS A 28 23.83 8.78 13.65
N ASN A 29 22.64 8.64 13.06
CA ASN A 29 22.47 8.84 11.62
C ASN A 29 22.14 10.28 11.22
N GLY A 30 21.75 11.13 12.14
CA GLY A 30 21.34 12.47 11.77
C GLY A 30 20.60 13.17 12.89
N ASP A 31 20.42 14.47 12.71
CA ASP A 31 19.85 15.36 13.72
C ASP A 31 18.51 15.90 13.24
N TYR A 32 17.43 15.48 13.90
CA TYR A 32 16.09 15.93 13.54
C TYR A 32 15.83 17.38 13.90
N THR A 33 16.62 17.95 14.81
CA THR A 33 16.32 19.30 15.31
C THR A 33 16.61 20.39 14.29
N LYS A 34 17.43 20.10 13.27
CA LYS A 34 17.76 21.05 12.24
C LYS A 34 17.55 20.40 10.88
N ILE A 35 17.83 21.16 9.82
CA ILE A 35 17.60 20.68 8.47
C ILE A 35 18.57 19.54 8.16
N MET A 36 18.02 18.39 7.70
CA MET A 36 18.76 17.19 7.33
C MET A 36 19.13 17.22 5.85
N PRO A 37 20.35 16.81 5.50
CA PRO A 37 20.78 16.91 4.10
C PRO A 37 20.07 15.94 3.16
N ASP A 38 19.66 14.77 3.63
CA ASP A 38 18.98 13.81 2.76
C ASP A 38 18.13 12.88 3.61
N ILE A 39 17.22 12.17 2.94
CA ILE A 39 16.27 11.30 3.64
C ILE A 39 17.00 10.18 4.37
N LEU A 40 18.17 9.77 3.88
CA LEU A 40 18.89 8.66 4.51
C LEU A 40 19.30 9.01 5.93
N THR A 41 19.67 10.27 6.18
CA THR A 41 20.03 10.70 7.52
C THR A 41 18.86 10.60 8.50
N ALA A 42 17.63 10.45 8.00
CA ALA A 42 16.47 10.30 8.85
C ALA A 42 16.20 8.87 9.25
N ILE A 43 16.95 7.90 8.71
CA ILE A 43 16.77 6.51 9.10
C ILE A 43 17.12 6.35 10.58
N GLY A 44 16.30 5.57 11.28
CA GLY A 44 16.52 5.29 12.68
C GLY A 44 15.73 6.21 13.60
N GLN A 45 16.14 6.24 14.86
CA GLN A 45 15.52 7.04 15.91
C GLN A 45 14.01 6.83 15.94
N THR A 46 13.63 5.58 15.93
CA THR A 46 12.24 5.15 15.91
C THR A 46 11.69 5.07 17.32
N PRO A 47 10.39 5.37 17.50
CA PRO A 47 9.83 5.41 18.85
C PRO A 47 9.62 4.02 19.43
N LEU A 48 9.71 3.95 20.75
CA LEU A 48 9.43 2.75 21.51
C LEU A 48 8.09 2.98 22.21
N ILE A 49 7.05 2.27 21.76
CA ILE A 49 5.67 2.53 22.17
C ILE A 49 5.21 1.40 23.09
N LYS A 50 4.46 1.76 24.13
CA LYS A 50 3.94 0.77 25.05
C LYS A 50 2.73 0.05 24.47
N LEU A 51 2.64 -1.24 24.73
CA LEU A 51 1.44 -2.01 24.45
C LEU A 51 0.54 -1.95 25.68
N ASN A 52 -0.69 -1.45 25.48
CA ASN A 52 -1.61 -1.21 26.58
C ASN A 52 -2.69 -2.29 26.67
N ASN A 53 -3.52 -2.41 25.63
CA ASN A 53 -4.66 -3.33 25.66
C ASN A 53 -4.24 -4.78 25.50
N ILE A 54 -3.36 -5.06 24.52
CA ILE A 54 -3.09 -6.44 24.14
C ILE A 54 -2.55 -7.28 25.28
N PRO A 55 -1.49 -6.87 26.02
CA PRO A 55 -0.99 -7.75 27.10
C PRO A 55 -1.99 -7.95 28.22
N LYS A 56 -2.71 -6.90 28.64
CA LYS A 56 -3.67 -7.07 29.73
C LYS A 56 -4.85 -7.92 29.31
N SER A 57 -5.20 -7.93 28.02
CA SER A 57 -6.24 -8.84 27.55
C SER A 57 -5.77 -10.29 27.63
N TYR A 58 -4.48 -10.53 27.46
CA TYR A 58 -3.89 -11.85 27.59
C TYR A 58 -3.44 -12.17 29.00
N GLY A 59 -3.71 -11.28 29.96
CA GLY A 59 -3.36 -11.55 31.34
C GLY A 59 -1.88 -11.46 31.66
N ILE A 60 -1.11 -10.70 30.87
CA ILE A 60 0.31 -10.56 31.10
C ILE A 60 0.54 -9.47 32.14
N LYS A 61 1.28 -9.81 33.21
CA LYS A 61 1.50 -8.85 34.29
C LYS A 61 2.59 -7.84 33.97
N CYS A 62 3.62 -8.24 33.23
CA CYS A 62 4.76 -7.36 32.99
C CYS A 62 4.47 -6.38 31.86
N GLU A 63 5.46 -5.57 31.54
CA GLU A 63 5.36 -4.53 30.52
C GLU A 63 5.89 -5.05 29.19
N ILE A 64 5.25 -4.63 28.10
CA ILE A 64 5.67 -4.99 26.74
C ILE A 64 5.72 -3.72 25.91
N TYR A 65 6.91 -3.38 25.42
CA TYR A 65 7.12 -2.23 24.55
C TYR A 65 7.52 -2.71 23.16
N ALA A 66 6.88 -2.14 22.15
CA ALA A 66 7.20 -2.45 20.76
C ALA A 66 8.05 -1.32 20.19
N LYS A 67 9.22 -1.69 19.66
CA LYS A 67 10.04 -0.77 18.90
C LYS A 67 9.54 -0.77 17.46
N CYS A 68 9.09 0.38 16.99
CA CYS A 68 8.40 0.45 15.70
C CYS A 68 9.43 0.80 14.64
N GLU A 69 9.77 -0.17 13.80
CA GLU A 69 10.69 0.05 12.69
C GLU A 69 9.96 0.29 11.38
N PHE A 70 8.63 0.25 11.38
CA PHE A 70 7.86 0.61 10.21
C PHE A 70 7.80 2.11 9.99
N LEU A 71 8.33 2.90 10.92
CA LEU A 71 8.33 4.35 10.81
C LEU A 71 9.60 4.89 10.17
N ASN A 72 10.51 4.01 9.73
CA ASN A 72 11.66 4.45 8.96
C ASN A 72 11.21 5.02 7.62
N PRO A 73 12.02 5.88 7.00
CA PRO A 73 11.56 6.56 5.78
C PRO A 73 11.37 5.63 4.58
N GLY A 74 11.98 4.45 4.59
CA GLY A 74 11.76 3.48 3.53
C GLY A 74 10.58 2.57 3.83
N GLY A 75 10.16 2.53 5.08
CA GLY A 75 9.01 1.74 5.49
C GLY A 75 9.33 0.46 6.23
N SER A 76 10.61 0.19 6.50
CA SER A 76 11.00 -1.06 7.13
C SER A 76 12.24 -0.84 7.98
N VAL A 77 12.69 -1.90 8.64
CA VAL A 77 13.92 -1.83 9.42
C VAL A 77 15.13 -1.90 8.49
N LYS A 78 14.97 -2.53 7.33
CA LYS A 78 16.09 -2.79 6.43
C LYS A 78 16.80 -1.51 6.00
N ASP A 79 16.11 -0.37 6.04
CA ASP A 79 16.77 0.90 5.74
C ASP A 79 18.08 1.01 6.51
N ARG A 80 18.03 0.72 7.82
CA ARG A 80 19.20 0.82 8.68
C ARG A 80 20.39 0.09 8.06
N ILE A 81 20.18 -1.14 7.57
CA ILE A 81 21.33 -1.84 7.01
C ILE A 81 21.65 -1.35 5.61
N ALA A 82 20.63 -1.01 4.81
CA ALA A 82 20.88 -0.60 3.43
C ALA A 82 21.75 0.65 3.38
N TYR A 83 21.48 1.61 4.26
CA TYR A 83 22.40 2.72 4.46
C TYR A 83 23.76 2.20 4.90
N ARG A 84 23.80 1.46 6.01
CA ARG A 84 25.06 1.14 6.67
C ARG A 84 26.02 0.45 5.72
N MET A 85 25.59 -0.66 5.12
CA MET A 85 26.44 -1.36 4.17
C MET A 85 27.00 -0.40 3.13
N ILE A 86 26.11 0.36 2.48
CA ILE A 86 26.54 1.31 1.47
C ILE A 86 27.61 2.24 2.06
N GLN A 87 27.30 2.82 3.22
CA GLN A 87 28.24 3.70 3.89
C GLN A 87 29.61 3.05 4.01
N ASP A 88 29.65 1.84 4.58
CA ASP A 88 30.93 1.19 4.77
C ASP A 88 31.61 0.93 3.43
N ALA A 89 30.83 0.49 2.43
CA ALA A 89 31.40 0.31 1.09
C ALA A 89 32.04 1.60 0.61
N GLU A 90 31.35 2.73 0.79
CA GLU A 90 31.88 4.01 0.32
C GLU A 90 33.15 4.39 1.05
N ASP A 91 33.31 3.95 2.31
CA ASP A 91 34.54 4.25 3.03
C ASP A 91 35.67 3.31 2.60
N LYS A 92 35.35 2.17 2.02
CA LYS A 92 36.35 1.27 1.46
C LYS A 92 36.65 1.56 -0.01
N GLY A 93 36.04 2.59 -0.57
CA GLY A 93 36.24 2.91 -1.97
C GLY A 93 35.61 1.96 -2.95
N LEU A 94 34.81 0.99 -2.47
CA LEU A 94 34.20 0.03 -3.38
C LEU A 94 33.07 0.66 -4.20
N LEU A 95 32.40 1.67 -3.65
CA LEU A 95 31.27 2.31 -4.31
C LEU A 95 31.72 3.63 -4.94
N LYS A 96 31.55 3.74 -6.25
CA LYS A 96 31.87 4.92 -7.03
C LYS A 96 30.58 5.46 -7.66
N PRO A 97 30.56 6.74 -8.02
CA PRO A 97 29.41 7.24 -8.79
C PRO A 97 29.26 6.46 -10.09
N GLY A 98 28.01 6.15 -10.43
CA GLY A 98 27.72 5.32 -11.58
C GLY A 98 27.78 3.84 -11.33
N CYS A 99 28.13 3.40 -10.13
CA CYS A 99 28.11 1.98 -9.80
C CYS A 99 26.69 1.44 -9.83
N THR A 100 26.58 0.14 -10.08
CA THR A 100 25.29 -0.55 -10.07
C THR A 100 25.26 -1.51 -8.89
N ILE A 101 24.34 -1.28 -7.96
CA ILE A 101 24.18 -2.14 -6.80
C ILE A 101 23.21 -3.26 -7.16
N ILE A 102 23.64 -4.50 -6.93
CA ILE A 102 22.80 -5.68 -7.14
C ILE A 102 22.62 -6.38 -5.80
N GLU A 103 21.37 -6.70 -5.48
CA GLU A 103 21.12 -7.44 -4.25
C GLU A 103 20.19 -8.61 -4.55
N PRO A 104 20.45 -9.76 -3.96
CA PRO A 104 19.58 -10.91 -4.20
C PRO A 104 18.48 -11.05 -3.15
N THR A 105 17.59 -10.08 -3.02
CA THR A 105 16.51 -10.18 -2.04
C THR A 105 15.24 -9.60 -2.63
N SER A 106 14.12 -10.25 -2.36
CA SER A 106 12.81 -9.71 -2.70
C SER A 106 12.16 -8.97 -1.55
N GLY A 107 12.82 -8.91 -0.40
CA GLY A 107 12.25 -8.32 0.79
C GLY A 107 12.43 -6.82 0.83
N ASN A 108 12.42 -6.28 2.05
CA ASN A 108 12.51 -4.84 2.23
C ASN A 108 13.92 -4.30 2.00
N THR A 109 14.94 -5.16 2.08
CA THR A 109 16.31 -4.72 1.82
C THR A 109 16.44 -4.15 0.42
N GLY A 110 15.74 -4.72 -0.55
CA GLY A 110 15.75 -4.17 -1.89
C GLY A 110 15.17 -2.77 -1.95
N ILE A 111 14.16 -2.50 -1.13
CA ILE A 111 13.58 -1.16 -1.10
C ILE A 111 14.54 -0.18 -0.43
N GLY A 112 15.19 -0.61 0.66
CA GLY A 112 16.17 0.25 1.30
C GLY A 112 17.31 0.61 0.38
N LEU A 113 17.89 -0.40 -0.29
CA LEU A 113 18.97 -0.15 -1.22
C LEU A 113 18.52 0.64 -2.44
N ALA A 114 17.27 0.45 -2.87
CA ALA A 114 16.74 1.25 -3.98
C ALA A 114 16.63 2.71 -3.58
N MET A 115 16.14 2.98 -2.37
CA MET A 115 16.03 4.36 -1.90
C MET A 115 17.41 5.01 -1.76
N ALA A 116 18.31 4.33 -1.05
CA ALA A 116 19.66 4.87 -0.85
C ALA A 116 20.37 5.08 -2.18
N ALA A 117 20.20 4.15 -3.12
CA ALA A 117 20.79 4.32 -4.45
C ALA A 117 20.17 5.49 -5.18
N ALA A 118 18.87 5.72 -4.99
CA ALA A 118 18.23 6.89 -5.58
C ALA A 118 18.81 8.18 -5.04
N VAL A 119 19.10 8.22 -3.74
CA VAL A 119 19.70 9.42 -3.15
C VAL A 119 21.13 9.61 -3.66
N ARG A 120 21.91 8.53 -3.70
CA ARG A 120 23.32 8.59 -4.08
C ARG A 120 23.54 8.51 -5.58
N GLY A 121 22.49 8.39 -6.39
CA GLY A 121 22.69 8.31 -7.83
C GLY A 121 23.35 7.04 -8.29
N TYR A 122 23.05 5.93 -7.62
CA TYR A 122 23.53 4.61 -8.02
C TYR A 122 22.43 3.90 -8.79
N LYS A 123 22.82 3.15 -9.81
CA LYS A 123 21.89 2.22 -10.44
C LYS A 123 21.59 1.07 -9.49
N CYS A 124 20.34 0.61 -9.51
CA CYS A 124 19.89 -0.44 -8.61
C CYS A 124 19.25 -1.56 -9.40
N ILE A 125 19.65 -2.80 -9.14
CA ILE A 125 19.11 -3.98 -9.81
C ILE A 125 18.77 -5.01 -8.75
N ILE A 126 17.53 -5.47 -8.75
CA ILE A 126 17.03 -6.43 -7.77
C ILE A 126 16.58 -7.68 -8.50
N VAL A 127 16.90 -8.85 -7.95
CA VAL A 127 16.59 -10.13 -8.59
C VAL A 127 15.65 -10.92 -7.68
N MET A 128 14.42 -11.14 -8.15
CA MET A 128 13.49 -12.04 -7.47
C MET A 128 12.70 -12.81 -8.52
N PRO A 129 12.42 -14.09 -8.27
CA PRO A 129 11.60 -14.86 -9.20
C PRO A 129 10.12 -14.62 -9.01
N GLU A 130 9.37 -14.73 -10.11
CA GLU A 130 7.91 -14.76 -10.12
C GLU A 130 7.33 -13.62 -9.30
N LYS A 131 6.28 -13.92 -8.53
CA LYS A 131 5.87 -13.08 -7.41
C LYS A 131 5.87 -13.94 -6.15
N MET A 132 6.84 -13.70 -5.26
CA MET A 132 6.71 -14.14 -3.89
C MET A 132 5.90 -13.14 -3.08
N SER A 133 6.12 -11.86 -3.34
CA SER A 133 5.41 -10.76 -2.72
C SER A 133 5.16 -9.70 -3.78
N ASP A 134 4.07 -8.97 -3.62
CA ASP A 134 3.65 -7.97 -4.58
C ASP A 134 3.30 -6.68 -3.84
N GLU A 135 3.11 -5.62 -4.64
CA GLU A 135 2.96 -4.23 -4.22
C GLU A 135 4.32 -3.65 -3.85
N LYS A 136 5.32 -4.52 -3.66
CA LYS A 136 6.71 -4.09 -3.60
C LYS A 136 7.28 -3.85 -4.98
N ILE A 137 6.71 -4.49 -6.01
CA ILE A 137 7.15 -4.27 -7.38
C ILE A 137 6.90 -2.82 -7.79
N SER A 138 5.73 -2.29 -7.45
CA SER A 138 5.42 -0.90 -7.75
C SER A 138 6.39 0.04 -7.04
N THR A 139 6.73 -0.26 -5.79
CA THR A 139 7.63 0.60 -5.04
C THR A 139 9.04 0.55 -5.60
N LEU A 140 9.50 -0.63 -6.02
CA LEU A 140 10.83 -0.74 -6.59
C LEU A 140 10.91 -0.05 -7.95
N TYR A 141 9.88 -0.21 -8.79
CA TYR A 141 9.87 0.50 -10.06
C TYR A 141 9.78 2.00 -9.87
N ALA A 142 9.10 2.45 -8.82
CA ALA A 142 9.01 3.88 -8.55
C ALA A 142 10.35 4.46 -8.13
N LEU A 143 11.17 3.67 -7.44
CA LEU A 143 12.46 4.13 -6.94
C LEU A 143 13.57 4.03 -7.98
N GLY A 144 13.26 3.59 -9.20
CA GLY A 144 14.26 3.51 -10.25
C GLY A 144 15.05 2.24 -10.29
N ALA A 145 14.60 1.18 -9.62
CA ALA A 145 15.32 -0.08 -9.60
C ALA A 145 14.89 -0.96 -10.78
N LYS A 146 15.86 -1.66 -11.35
CA LYS A 146 15.59 -2.68 -12.35
C LYS A 146 15.35 -4.01 -11.66
N ILE A 147 14.32 -4.72 -12.09
CA ILE A 147 13.91 -5.98 -11.50
C ILE A 147 14.14 -7.09 -12.52
N ILE A 148 14.90 -8.10 -12.13
CA ILE A 148 15.20 -9.26 -12.98
C ILE A 148 14.55 -10.48 -12.36
N ARG A 149 13.85 -11.25 -13.18
CA ARG A 149 13.07 -12.40 -12.72
C ARG A 149 13.75 -13.70 -13.12
N THR A 150 13.60 -14.71 -12.27
CA THR A 150 14.22 -16.01 -12.47
C THR A 150 13.17 -17.11 -12.29
N PRO A 151 13.52 -18.38 -12.49
CA PRO A 151 12.59 -19.45 -12.09
C PRO A 151 12.40 -19.48 -10.58
N THR A 152 11.14 -19.56 -10.16
CA THR A 152 10.83 -19.60 -8.73
C THR A 152 11.02 -20.98 -8.13
N GLU A 153 11.14 -22.03 -8.96
CA GLU A 153 11.29 -23.38 -8.44
C GLU A 153 12.71 -23.68 -8.00
N ALA A 154 13.70 -23.03 -8.62
CA ALA A 154 15.10 -23.34 -8.35
C ALA A 154 15.45 -23.07 -6.90
N SER A 155 16.00 -24.08 -6.23
CA SER A 155 16.53 -23.87 -4.89
C SER A 155 17.78 -22.99 -4.97
N TRP A 156 18.10 -22.36 -3.84
CA TRP A 156 19.27 -21.49 -3.80
C TRP A 156 20.56 -22.23 -4.15
N HIS A 157 20.54 -23.58 -4.09
CA HIS A 157 21.63 -24.35 -4.66
C HIS A 157 21.68 -24.18 -6.17
N SER A 158 20.53 -24.22 -6.83
CA SER A 158 20.46 -24.22 -8.29
C SER A 158 21.00 -22.90 -8.85
N PRO A 159 21.66 -22.96 -10.01
CA PRO A 159 22.14 -21.72 -10.66
C PRO A 159 21.02 -20.82 -11.14
N GLU A 160 19.84 -21.39 -11.45
CA GLU A 160 18.69 -20.59 -11.85
C GLU A 160 18.13 -19.75 -10.72
N ALA A 161 18.60 -19.96 -9.49
CA ALA A 161 18.14 -19.20 -8.33
C ALA A 161 18.65 -17.76 -8.38
N HIS A 162 17.98 -16.90 -7.63
CA HIS A 162 18.24 -15.46 -7.69
C HIS A 162 19.63 -15.11 -7.18
N ILE A 163 20.18 -15.88 -6.24
CA ILE A 163 21.50 -15.54 -5.69
C ILE A 163 22.59 -15.82 -6.73
N SER A 164 22.60 -17.04 -7.28
CA SER A 164 23.62 -17.41 -8.25
C SER A 164 23.54 -16.52 -9.49
N VAL A 165 22.31 -16.31 -10.00
CA VAL A 165 22.14 -15.45 -11.16
C VAL A 165 22.47 -14.01 -10.80
N ALA A 166 22.34 -13.63 -9.54
CA ALA A 166 22.76 -12.29 -9.13
C ALA A 166 24.27 -12.16 -9.23
N GLN A 167 25.01 -13.21 -8.86
CA GLN A 167 26.45 -13.17 -9.03
C GLN A 167 26.84 -13.20 -10.50
N LYS A 168 26.13 -13.99 -11.32
CA LYS A 168 26.41 -13.99 -12.75
C LYS A 168 26.20 -12.61 -13.35
N LEU A 169 25.07 -11.97 -13.04
CA LEU A 169 24.82 -10.62 -13.50
C LEU A 169 25.86 -9.64 -12.98
N GLN A 170 26.37 -9.88 -11.77
CA GLN A 170 27.43 -9.02 -11.25
C GLN A 170 28.70 -9.17 -12.08
N LYS A 171 29.02 -10.39 -12.52
CA LYS A 171 30.18 -10.58 -13.38
C LYS A 171 29.96 -9.95 -14.75
N GLU A 172 28.72 -9.99 -15.25
CA GLU A 172 28.42 -9.43 -16.56
C GLU A 172 28.52 -7.91 -16.55
N ILE A 173 27.97 -7.27 -15.53
CA ILE A 173 27.96 -5.81 -15.43
C ILE A 173 29.29 -5.33 -14.88
N PRO A 174 30.02 -4.47 -15.61
CA PRO A 174 31.32 -4.01 -15.13
C PRO A 174 31.17 -3.02 -13.98
N ASN A 175 32.10 -3.12 -13.02
CA ASN A 175 32.17 -2.20 -11.89
C ASN A 175 30.86 -2.15 -11.12
N SER A 176 30.28 -3.32 -10.87
CA SER A 176 29.10 -3.45 -10.02
C SER A 176 29.54 -4.01 -8.67
N ILE A 177 28.56 -4.16 -7.76
CA ILE A 177 28.84 -4.67 -6.42
C ILE A 177 27.59 -5.36 -5.87
N ILE A 178 27.82 -6.39 -5.05
CA ILE A 178 26.78 -7.06 -4.29
C ILE A 178 27.10 -6.88 -2.81
N LEU A 179 26.18 -6.30 -2.05
CA LEU A 179 26.43 -6.03 -0.64
C LEU A 179 26.21 -7.28 0.24
N ASP A 180 25.28 -8.15 -0.15
CA ASP A 180 25.12 -9.48 0.46
C ASP A 180 24.84 -9.37 1.96
N GLN A 181 23.60 -8.98 2.23
CA GLN A 181 23.11 -8.77 3.59
C GLN A 181 23.33 -9.99 4.49
N TYR A 182 23.55 -11.17 3.91
CA TYR A 182 23.76 -12.36 4.73
C TYR A 182 25.18 -12.43 5.28
N THR A 183 26.20 -12.07 4.49
CA THR A 183 27.58 -12.09 4.95
C THR A 183 28.12 -10.75 5.42
N ASN A 184 27.34 -9.67 5.30
CA ASN A 184 27.90 -8.33 5.47
C ASN A 184 27.87 -7.94 6.95
N PRO A 185 29.01 -7.59 7.56
CA PRO A 185 28.98 -7.13 8.95
C PRO A 185 28.14 -5.88 9.16
N GLY A 186 27.90 -5.10 8.10
CA GLY A 186 27.06 -3.92 8.26
C GLY A 186 25.65 -4.23 8.72
N ASN A 187 25.11 -5.38 8.30
CA ASN A 187 23.76 -5.76 8.69
C ASN A 187 23.62 -5.88 10.21
N PRO A 188 24.37 -6.76 10.90
CA PRO A 188 24.24 -6.77 12.37
C PRO A 188 24.83 -5.54 13.03
N LEU A 189 25.83 -4.91 12.41
CA LEU A 189 26.51 -3.76 13.03
C LEU A 189 25.60 -2.54 13.10
N ALA A 190 24.67 -2.39 12.15
CA ALA A 190 23.76 -1.27 12.19
C ALA A 190 22.87 -1.33 13.43
N HIS A 191 22.39 -2.53 13.78
CA HIS A 191 21.57 -2.68 14.97
C HIS A 191 22.41 -2.71 16.23
N TYR A 192 23.64 -3.21 16.15
CA TYR A 192 24.55 -3.15 17.29
C TYR A 192 24.85 -1.71 17.68
N ASP A 193 25.15 -0.87 16.69
CA ASP A 193 25.59 0.49 16.94
C ASP A 193 24.44 1.44 17.24
N GLN A 194 23.26 1.24 16.64
CA GLN A 194 22.18 2.22 16.71
C GLN A 194 20.92 1.65 17.34
N THR A 195 20.28 0.65 16.72
CA THR A 195 19.02 0.12 17.22
C THR A 195 19.11 -0.24 18.70
N ALA A 196 20.11 -1.03 19.07
CA ALA A 196 20.26 -1.46 20.46
C ALA A 196 20.52 -0.27 21.38
N ILE A 197 21.28 0.71 20.90
CA ILE A 197 21.54 1.90 21.71
C ILE A 197 20.26 2.71 21.92
N GLU A 198 19.50 2.90 20.84
CA GLU A 198 18.22 3.60 20.97
C GLU A 198 17.32 2.91 21.99
N ILE A 199 17.21 1.58 21.90
CA ILE A 199 16.38 0.84 22.83
C ILE A 199 16.90 1.01 24.25
N TRP A 200 18.22 0.95 24.44
CA TRP A 200 18.81 1.07 25.77
C TRP A 200 18.51 2.42 26.39
N LYS A 201 18.73 3.50 25.62
CA LYS A 201 18.49 4.84 26.14
C LYS A 201 17.00 5.07 26.41
N GLN A 202 16.14 4.66 25.48
CA GLN A 202 14.71 4.85 25.65
C GLN A 202 14.19 4.11 26.87
N CYS A 203 14.69 2.89 27.11
CA CYS A 203 14.32 2.15 28.31
C CYS A 203 14.93 2.73 29.58
N GLU A 204 15.84 3.70 29.46
CA GLU A 204 16.55 4.26 30.60
C GLU A 204 17.23 3.17 31.41
N GLY A 205 17.85 2.23 30.69
CA GLY A 205 18.65 1.20 31.32
C GLY A 205 17.90 0.00 31.83
N LYS A 206 16.57 0.05 31.92
CA LYS A 206 15.79 -1.08 32.42
C LYS A 206 15.18 -1.81 31.25
N ILE A 207 15.73 -2.99 30.96
CA ILE A 207 15.18 -3.90 29.95
C ILE A 207 15.55 -5.31 30.38
N ASP A 208 14.64 -6.25 30.15
CA ASP A 208 14.82 -7.63 30.60
C ASP A 208 14.85 -8.60 29.45
N TYR A 209 13.77 -8.71 28.68
CA TYR A 209 13.71 -9.58 27.52
C TYR A 209 13.60 -8.76 26.25
N LEU A 210 14.22 -9.26 25.17
CA LEU A 210 14.10 -8.67 23.85
C LEU A 210 13.70 -9.76 22.86
N VAL A 211 12.55 -9.60 22.22
CA VAL A 211 12.00 -10.57 21.29
C VAL A 211 12.05 -9.98 19.89
N ALA A 212 12.64 -10.72 18.94
CA ALA A 212 12.64 -10.33 17.54
C ALA A 212 12.73 -11.57 16.67
N GLY A 213 12.18 -11.46 15.47
CA GLY A 213 12.32 -12.53 14.50
C GLY A 213 13.60 -12.39 13.69
N ALA A 214 14.17 -13.52 13.29
CA ALA A 214 15.38 -13.52 12.49
C ALA A 214 15.07 -14.13 11.12
N GLY A 215 15.04 -13.28 10.09
CA GLY A 215 15.31 -13.82 8.76
C GLY A 215 16.79 -14.06 8.53
N THR A 216 17.60 -13.01 8.65
CA THR A 216 19.04 -13.09 8.52
C THR A 216 19.76 -13.17 9.85
N GLY A 217 19.03 -13.04 10.96
CA GLY A 217 19.65 -12.91 12.26
C GLY A 217 20.34 -11.59 12.52
N GLY A 218 20.35 -10.66 11.57
CA GLY A 218 21.08 -9.42 11.75
C GLY A 218 20.59 -8.61 12.94
N THR A 219 19.27 -8.36 12.99
CA THR A 219 18.69 -7.57 14.07
C THR A 219 18.96 -8.23 15.42
N ILE A 220 18.55 -9.48 15.57
CA ILE A 220 18.62 -10.15 16.87
C ILE A 220 20.06 -10.33 17.32
N SER A 221 20.99 -10.50 16.38
CA SER A 221 22.39 -10.70 16.75
C SER A 221 23.09 -9.40 17.11
N GLY A 222 22.82 -8.32 16.36
CA GLY A 222 23.41 -7.04 16.72
C GLY A 222 22.88 -6.52 18.04
N ILE A 223 21.55 -6.47 18.17
CA ILE A 223 20.96 -6.02 19.42
C ILE A 223 21.30 -6.97 20.55
N GLY A 224 21.46 -8.26 20.24
CA GLY A 224 21.84 -9.22 21.27
C GLY A 224 23.26 -9.02 21.76
N ARG A 225 24.19 -8.73 20.85
CA ARG A 225 25.56 -8.48 21.26
C ARG A 225 25.68 -7.19 22.07
N LYS A 226 25.13 -6.10 21.55
CA LYS A 226 25.24 -4.82 22.26
C LYS A 226 24.51 -4.88 23.60
N LEU A 227 23.26 -5.34 23.60
CA LEU A 227 22.48 -5.35 24.83
C LEU A 227 23.04 -6.34 25.85
N LYS A 228 23.55 -7.49 25.39
CA LYS A 228 24.21 -8.40 26.32
C LYS A 228 25.49 -7.81 26.87
N GLU A 229 26.17 -6.94 26.11
CA GLU A 229 27.34 -6.26 26.65
C GLU A 229 26.95 -5.23 27.70
N LEU A 230 25.84 -4.51 27.48
CA LEU A 230 25.42 -3.48 28.42
C LEU A 230 24.70 -4.07 29.63
N SER A 231 23.90 -5.12 29.43
CA SER A 231 23.07 -5.69 30.49
C SER A 231 23.17 -7.20 30.46
N PRO A 232 24.17 -7.77 31.15
CA PRO A 232 24.43 -9.22 31.01
C PRO A 232 23.25 -10.13 31.31
N ASN A 233 22.30 -9.72 32.15
CA ASN A 233 21.18 -10.59 32.49
C ASN A 233 20.08 -10.60 31.45
N ILE A 234 20.16 -9.75 30.42
CA ILE A 234 19.10 -9.68 29.43
C ILE A 234 18.93 -11.04 28.75
N LYS A 235 17.69 -11.36 28.40
CA LYS A 235 17.36 -12.60 27.72
C LYS A 235 16.94 -12.26 26.29
N ILE A 236 17.65 -12.85 25.32
CA ILE A 236 17.44 -12.56 23.91
C ILE A 236 16.68 -13.72 23.30
N ILE A 237 15.49 -13.44 22.76
CA ILE A 237 14.60 -14.46 22.22
C ILE A 237 14.46 -14.24 20.73
N ALA A 238 14.68 -15.31 19.95
CA ALA A 238 14.54 -15.27 18.50
C ALA A 238 13.25 -15.97 18.09
N VAL A 239 12.60 -15.44 17.06
CA VAL A 239 11.34 -15.98 16.54
C VAL A 239 11.60 -16.53 15.15
N ASP A 240 11.31 -17.82 14.95
CA ASP A 240 11.46 -18.47 13.66
C ASP A 240 10.14 -19.11 13.30
N PRO A 241 9.69 -19.02 12.06
CA PRO A 241 8.46 -19.71 11.65
C PRO A 241 8.70 -21.19 11.40
N LYS A 242 7.60 -21.95 11.50
CA LYS A 242 7.63 -23.35 11.12
C LYS A 242 7.96 -23.49 9.64
N GLY A 243 8.90 -24.35 9.32
CA GLY A 243 9.39 -24.49 7.97
C GLY A 243 10.73 -23.84 7.69
N SER A 244 11.43 -23.37 8.73
CA SER A 244 12.74 -22.77 8.59
C SER A 244 13.72 -23.47 9.54
N ILE A 245 14.97 -23.62 9.10
CA ILE A 245 15.96 -24.36 9.87
C ILE A 245 16.79 -23.47 10.78
N LEU A 246 16.48 -22.17 10.87
CA LEU A 246 17.27 -21.27 11.70
C LEU A 246 17.28 -21.70 13.16
N ASP A 247 16.21 -22.34 13.62
CA ASP A 247 16.20 -22.86 14.98
C ASP A 247 17.18 -24.03 15.08
N PRO A 248 18.10 -24.01 16.05
CA PRO A 248 18.98 -25.19 16.24
C PRO A 248 18.22 -26.48 16.48
N SER A 249 16.97 -26.41 16.91
CA SER A 249 16.07 -27.56 16.94
C SER A 249 15.18 -27.47 15.70
N SER A 250 15.37 -28.40 14.76
CA SER A 250 14.62 -28.36 13.51
C SER A 250 13.97 -29.71 13.20
N ASP A 251 14.79 -30.72 12.90
CA ASP A 251 14.27 -32.05 12.57
C ASP A 251 15.17 -33.14 13.14
N GLU A 255 10.99 -31.20 8.02
CA GLU A 255 11.40 -30.64 6.74
C GLU A 255 11.01 -29.18 6.62
N VAL A 256 11.47 -28.52 5.56
CA VAL A 256 11.15 -27.13 5.33
C VAL A 256 9.79 -27.04 4.64
N GLY A 257 8.93 -26.15 5.15
CA GLY A 257 7.60 -25.96 4.62
C GLY A 257 7.45 -24.65 3.87
N PHE A 258 6.19 -24.31 3.61
CA PHE A 258 5.81 -23.05 2.97
C PHE A 258 4.93 -22.27 3.92
N TYR A 259 5.34 -21.05 4.25
CA TYR A 259 4.56 -20.17 5.11
C TYR A 259 4.32 -18.84 4.42
N GLU A 260 3.21 -18.20 4.79
CA GLU A 260 2.82 -16.93 4.18
C GLU A 260 3.58 -15.74 4.77
N VAL A 261 3.96 -15.81 6.05
CA VAL A 261 4.60 -14.68 6.71
C VAL A 261 5.95 -14.39 6.05
N GLU A 262 6.17 -13.14 5.71
CA GLU A 262 7.35 -12.73 4.97
C GLU A 262 8.36 -12.07 5.90
N GLY A 263 9.65 -12.34 5.64
CA GLY A 263 10.74 -11.64 6.28
C GLY A 263 11.52 -12.43 7.32
N ILE A 264 10.97 -13.53 7.84
CA ILE A 264 11.64 -14.31 8.87
C ILE A 264 11.85 -15.73 8.37
N GLY A 265 13.03 -16.27 8.66
CA GLY A 265 13.40 -17.65 8.39
C GLY A 265 14.01 -17.83 7.01
N TYR A 266 14.90 -18.82 6.92
CA TYR A 266 15.59 -19.16 5.69
C TYR A 266 15.89 -20.65 5.70
N ASP A 267 16.19 -21.19 4.52
CA ASP A 267 16.55 -22.60 4.38
C ASP A 267 18.04 -22.84 4.57
N PHE A 268 18.82 -21.80 4.84
CA PHE A 268 20.21 -21.91 5.21
C PHE A 268 20.43 -21.14 6.51
N ILE A 269 21.67 -21.15 7.00
CA ILE A 269 22.03 -20.44 8.22
C ILE A 269 22.95 -19.28 7.83
N PRO A 270 22.49 -18.04 7.93
CA PRO A 270 23.32 -16.90 7.50
C PRO A 270 24.56 -16.75 8.36
N THR A 271 25.56 -16.07 7.78
CA THR A 271 26.80 -15.82 8.49
C THR A 271 26.63 -14.77 9.57
N VAL A 272 25.77 -13.77 9.33
CA VAL A 272 25.61 -12.69 10.29
C VAL A 272 24.87 -13.12 11.54
N LEU A 273 24.18 -14.26 11.50
CA LEU A 273 23.43 -14.72 12.66
C LEU A 273 24.38 -15.39 13.65
N ASP A 274 24.45 -14.83 14.86
CA ASP A 274 25.24 -15.40 15.95
C ASP A 274 24.27 -16.03 16.93
N ARG A 275 24.27 -17.37 16.99
CA ARG A 275 23.35 -18.10 17.83
C ARG A 275 23.83 -18.25 19.26
N ASN A 276 25.04 -17.78 19.57
CA ASN A 276 25.52 -17.82 20.95
C ASN A 276 24.88 -16.75 21.82
N VAL A 277 24.35 -15.67 21.22
CA VAL A 277 23.66 -14.65 21.99
C VAL A 277 22.15 -14.88 22.04
N ILE A 278 21.64 -15.92 21.40
CA ILE A 278 20.23 -16.26 21.46
C ILE A 278 20.00 -17.15 22.67
N ASP A 279 19.15 -16.68 23.60
CA ASP A 279 18.84 -17.48 24.77
C ASP A 279 17.79 -18.56 24.47
N LYS A 280 16.75 -18.21 23.70
CA LYS A 280 15.69 -19.16 23.41
C LYS A 280 15.09 -18.84 22.04
N TRP A 281 14.62 -19.89 21.37
CA TRP A 281 13.92 -19.79 20.10
C TRP A 281 12.45 -20.15 20.30
N ILE A 282 11.57 -19.39 19.66
CA ILE A 282 10.13 -19.64 19.69
C ILE A 282 9.65 -19.84 18.26
N LYS A 283 8.90 -20.91 18.03
CA LYS A 283 8.36 -21.22 16.71
C LYS A 283 6.95 -20.67 16.57
N THR A 284 6.62 -20.18 15.38
CA THR A 284 5.34 -19.55 15.12
C THR A 284 4.68 -20.12 13.87
N GLU A 285 3.36 -19.97 13.80
CA GLU A 285 2.55 -20.40 12.68
C GLU A 285 1.91 -19.18 12.02
N ASP A 286 1.54 -19.35 10.75
CA ASP A 286 0.97 -18.24 9.98
C ASP A 286 -0.31 -17.70 10.64
N ASN A 287 -1.17 -18.60 11.11
CA ASN A 287 -2.48 -18.18 11.62
C ASN A 287 -2.32 -17.26 12.83
N GLU A 288 -1.64 -17.74 13.87
CA GLU A 288 -1.46 -16.94 15.08
C GLU A 288 -0.70 -15.66 14.80
N SER A 289 0.30 -15.73 13.91
CA SER A 289 1.11 -14.55 13.61
C SER A 289 0.29 -13.47 12.93
N LEU A 290 -0.41 -13.82 11.85
CA LEU A 290 -1.14 -12.82 11.08
C LEU A 290 -2.34 -12.28 11.86
N ASN A 291 -3.05 -13.16 12.59
CA ASN A 291 -4.12 -12.65 13.43
C ASN A 291 -3.59 -11.77 14.56
N ALA A 292 -2.36 -12.04 15.01
CA ALA A 292 -1.74 -11.16 16.01
C ALA A 292 -1.34 -9.83 15.40
N ALA A 293 -0.94 -9.80 14.13
CA ALA A 293 -0.63 -8.53 13.49
C ALA A 293 -1.89 -7.69 13.31
N ARG A 294 -2.96 -8.31 12.81
CA ARG A 294 -4.26 -7.63 12.80
C ARG A 294 -4.66 -7.19 14.20
N MET A 295 -4.26 -7.95 15.22
CA MET A 295 -4.56 -7.56 16.60
C MET A 295 -3.78 -6.32 17.01
N LEU A 296 -2.53 -6.22 16.57
CA LEU A 296 -1.74 -5.01 16.82
C LEU A 296 -2.37 -3.80 16.16
N ILE A 297 -2.78 -3.96 14.89
CA ILE A 297 -3.39 -2.85 14.17
C ILE A 297 -4.68 -2.42 14.87
N ARG A 298 -5.53 -3.38 15.21
CA ARG A 298 -6.85 -3.05 15.75
C ARG A 298 -6.74 -2.49 17.16
N GLN A 299 -6.10 -3.23 18.07
CA GLN A 299 -6.11 -2.82 19.47
C GLN A 299 -5.08 -1.75 19.77
N GLU A 300 -3.86 -1.85 19.23
CA GLU A 300 -2.81 -0.90 19.56
C GLU A 300 -2.68 0.25 18.56
N GLY A 301 -3.45 0.24 17.48
CA GLY A 301 -3.31 1.29 16.47
C GLY A 301 -1.97 1.34 15.79
N LEU A 302 -1.22 0.24 15.79
CA LEU A 302 0.10 0.17 15.15
C LEU A 302 -0.05 -0.51 13.80
N LEU A 303 0.35 0.17 12.74
CA LEU A 303 0.23 -0.39 11.39
C LEU A 303 1.54 -1.10 11.07
N CYS A 304 1.48 -2.43 10.98
CA CYS A 304 2.69 -3.24 10.92
C CYS A 304 2.43 -4.47 10.08
N GLY A 305 3.47 -5.30 9.92
CA GLY A 305 3.41 -6.46 9.07
C GLY A 305 3.26 -7.76 9.85
N GLY A 306 3.33 -8.87 9.11
CA GLY A 306 3.11 -10.17 9.73
C GLY A 306 4.20 -10.58 10.70
N SER A 307 5.46 -10.32 10.34
CA SER A 307 6.57 -10.64 11.23
C SER A 307 6.39 -9.98 12.58
N SER A 308 5.81 -8.77 12.60
CA SER A 308 5.47 -8.11 13.86
C SER A 308 4.51 -8.98 14.67
N GLY A 309 3.48 -9.52 14.02
CA GLY A 309 2.56 -10.42 14.71
C GLY A 309 3.25 -11.64 15.26
N ALA A 310 4.19 -12.22 14.50
CA ALA A 310 4.95 -13.36 14.99
C ALA A 310 5.71 -13.00 16.26
N ALA A 311 6.37 -11.84 16.25
CA ALA A 311 7.06 -11.36 17.45
C ALA A 311 6.09 -11.25 18.62
N LEU A 312 4.91 -10.67 18.39
CA LEU A 312 3.95 -10.51 19.46
C LEU A 312 3.51 -11.84 20.04
N ILE A 313 3.24 -12.83 19.18
CA ILE A 313 2.81 -14.13 19.67
C ILE A 313 3.92 -14.78 20.50
N ALA A 314 5.15 -14.74 20.00
CA ALA A 314 6.26 -15.31 20.78
C ALA A 314 6.35 -14.65 22.15
N ALA A 315 6.29 -13.32 22.18
CA ALA A 315 6.42 -12.60 23.44
C ALA A 315 5.29 -12.94 24.40
N LEU A 316 4.05 -13.04 23.88
CA LEU A 316 2.92 -13.40 24.73
C LEU A 316 3.05 -14.84 25.25
N LYS A 317 3.62 -15.73 24.45
CA LYS A 317 3.85 -17.09 24.94
C LYS A 317 4.87 -17.10 26.08
N ILE A 318 5.91 -16.27 25.98
CA ILE A 318 6.93 -16.27 27.02
C ILE A 318 6.49 -15.53 28.28
N ALA A 319 5.65 -14.51 28.13
CA ALA A 319 5.41 -13.54 29.20
C ALA A 319 4.38 -13.99 30.22
N LYS A 320 3.80 -15.18 30.07
CA LYS A 320 2.74 -15.63 30.98
C LYS A 320 3.15 -15.51 32.44
N ASP A 321 4.29 -16.11 32.80
CA ASP A 321 4.75 -16.15 34.18
C ASP A 321 5.75 -15.05 34.53
N ILE A 322 6.05 -14.14 33.60
CA ILE A 322 7.05 -13.10 33.88
C ILE A 322 6.51 -12.12 34.92
N PRO A 323 7.26 -11.81 35.97
CA PRO A 323 6.74 -10.95 37.03
C PRO A 323 6.51 -9.53 36.57
N GLU A 324 5.74 -8.80 37.38
CA GLU A 324 5.18 -7.50 36.99
C GLU A 324 6.26 -6.45 36.76
N GLU A 325 7.36 -6.49 37.50
CA GLU A 325 8.35 -5.41 37.43
C GLU A 325 9.28 -5.52 36.23
N LYS A 326 9.24 -6.62 35.48
CA LYS A 326 10.11 -6.79 34.33
C LYS A 326 9.58 -6.02 33.12
N ARG A 327 10.49 -5.68 32.22
CA ARG A 327 10.15 -5.06 30.94
C ARG A 327 10.57 -5.96 29.80
N MET A 328 9.73 -6.04 28.78
CA MET A 328 10.03 -6.80 27.57
C MET A 328 9.93 -5.86 26.38
N VAL A 329 10.79 -6.06 25.39
CA VAL A 329 10.80 -5.24 24.18
C VAL A 329 10.75 -6.16 22.97
N ILE A 330 9.82 -5.90 22.06
CA ILE A 330 9.69 -6.66 20.83
C ILE A 330 9.90 -5.72 19.65
N ILE A 331 10.44 -6.25 18.57
CA ILE A 331 10.76 -5.47 17.37
C ILE A 331 9.67 -5.66 16.34
N LEU A 332 9.14 -4.56 15.81
CA LEU A 332 8.17 -4.65 14.71
C LEU A 332 8.86 -4.24 13.42
N PRO A 333 9.19 -5.19 12.53
CA PRO A 333 10.12 -4.88 11.43
C PRO A 333 9.58 -3.94 10.36
N ASP A 334 8.31 -4.06 9.97
CA ASP A 334 7.82 -3.24 8.86
C ASP A 334 6.32 -3.02 9.00
N GLY A 335 5.76 -2.26 8.07
CA GLY A 335 4.39 -1.80 8.13
C GLY A 335 3.46 -2.53 7.17
N ILE A 336 2.21 -2.04 7.14
CA ILE A 336 1.16 -2.66 6.35
C ILE A 336 1.28 -2.43 4.86
N ARG A 337 2.16 -1.53 4.43
CA ARG A 337 2.16 -1.08 3.03
C ARG A 337 2.28 -2.25 2.07
N ASN A 338 3.21 -3.16 2.32
CA ASN A 338 3.41 -4.28 1.40
C ASN A 338 2.26 -5.27 1.47
N TYR A 339 1.62 -5.39 2.63
CA TYR A 339 0.65 -6.43 2.90
C TYR A 339 -0.79 -6.01 2.68
N LEU A 340 -1.03 -4.81 2.14
CA LEU A 340 -2.38 -4.28 2.03
C LEU A 340 -3.36 -5.28 1.43
N THR A 341 -2.95 -6.02 0.42
CA THR A 341 -3.82 -7.00 -0.20
C THR A 341 -3.65 -8.40 0.35
N LYS A 342 -2.79 -8.61 1.35
CA LYS A 342 -2.63 -9.98 1.81
C LYS A 342 -3.19 -10.22 3.21
N PHE A 343 -2.48 -9.86 4.27
CA PHE A 343 -3.05 -10.17 5.57
C PHE A 343 -3.95 -9.06 6.09
N VAL A 344 -3.89 -7.87 5.47
CA VAL A 344 -4.79 -6.79 5.84
C VAL A 344 -6.18 -7.05 5.27
N SER A 345 -6.26 -7.71 4.12
CA SER A 345 -7.52 -7.96 3.46
C SER A 345 -8.25 -9.11 4.12
N GLU A 346 -9.52 -8.88 4.50
CA GLU A 346 -10.31 -9.97 5.07
C GLU A 346 -10.56 -11.06 4.05
N TYR A 347 -10.68 -10.70 2.76
CA TYR A 347 -10.85 -11.69 1.71
C TYR A 347 -9.68 -12.67 1.68
N TRP A 348 -8.45 -12.15 1.66
CA TRP A 348 -7.25 -12.98 1.61
C TRP A 348 -7.15 -13.85 2.86
N MET A 349 -7.57 -13.32 4.02
CA MET A 349 -7.52 -14.09 5.25
C MET A 349 -8.52 -15.24 5.22
N GLU A 350 -9.75 -14.97 4.77
CA GLU A 350 -10.76 -16.02 4.70
C GLU A 350 -10.41 -17.05 3.64
N THR A 351 -9.73 -16.64 2.57
CA THR A 351 -9.33 -17.59 1.53
C THR A 351 -8.34 -18.60 2.07
N ARG A 352 -7.30 -18.13 2.77
CA ARG A 352 -6.27 -19.02 3.30
C ARG A 352 -6.77 -19.86 4.46
N GLY A 353 -7.98 -19.60 4.96
CA GLY A 353 -8.47 -20.29 6.13
C GLY A 353 -8.10 -19.65 7.45
N PHE A 354 -7.43 -18.50 7.43
CA PHE A 354 -7.08 -17.81 8.66
C PHE A 354 -8.26 -17.08 9.28
N LEU A 355 -9.34 -16.90 8.54
CA LEU A 355 -10.58 -16.34 9.07
C LEU A 355 -11.75 -17.11 8.48
N GLN A 356 -12.85 -17.12 9.19
CA GLN A 356 -14.01 -17.83 8.67
C GLN A 356 -14.93 -16.87 7.95
N PRO A 357 -15.34 -17.15 6.71
CA PRO A 357 -16.29 -16.26 6.04
C PRO A 357 -17.62 -16.25 6.76
N VAL A 358 -18.13 -15.04 7.03
CA VAL A 358 -19.38 -14.85 7.75
C VAL A 358 -20.50 -14.68 6.74
N CYS A 359 -21.66 -15.25 7.05
CA CYS A 359 -22.81 -15.19 6.16
C CYS A 359 -23.64 -13.97 6.53
N GLN A 360 -23.68 -12.99 5.63
CA GLN A 360 -24.26 -11.68 5.97
C GLN A 360 -25.78 -11.71 5.94
N ASN A 361 -26.36 -12.39 4.94
CA ASN A 361 -27.80 -12.44 4.78
C ASN A 361 -28.30 -13.82 5.22
N GLU A 362 -29.28 -13.83 6.14
CA GLU A 362 -29.76 -15.10 6.68
C GLU A 362 -30.53 -15.91 5.63
N MET A 363 -31.02 -15.26 4.58
CA MET A 363 -31.66 -16.00 3.49
C MET A 363 -30.71 -17.05 2.92
N ASN A 364 -29.42 -16.75 2.89
CA ASN A 364 -28.41 -17.65 2.36
C ASN A 364 -28.05 -18.79 3.31
N LYS A 365 -28.60 -18.78 4.54
CA LYS A 365 -28.17 -19.74 5.56
C LYS A 365 -28.33 -21.19 5.13
N TRP A 366 -29.21 -21.48 4.17
CA TRP A 366 -29.44 -22.88 3.82
C TRP A 366 -28.32 -23.45 2.95
N TRP A 367 -27.83 -22.68 1.98
CA TRP A 367 -26.79 -23.16 1.07
C TRP A 367 -25.38 -22.81 1.53
N TRP A 368 -25.23 -22.14 2.67
CA TRP A 368 -23.92 -21.63 3.07
C TRP A 368 -22.96 -22.76 3.40
N ASN A 369 -23.41 -23.72 4.19
CA ASN A 369 -22.55 -24.82 4.64
C ASN A 369 -22.67 -26.06 3.75
N MET A 370 -23.44 -26.00 2.67
CA MET A 370 -23.50 -27.11 1.74
C MET A 370 -22.18 -27.23 0.97
N LYS A 371 -21.77 -28.47 0.71
CA LYS A 371 -20.52 -28.72 0.01
C LYS A 371 -20.66 -28.40 -1.48
N ILE A 372 -19.51 -28.21 -2.13
CA ILE A 372 -19.47 -28.10 -3.59
C ILE A 372 -19.97 -29.39 -4.24
N SER A 373 -19.91 -30.51 -3.53
CA SER A 373 -20.34 -31.78 -4.10
C SER A 373 -21.80 -31.75 -4.54
N ASN A 374 -22.64 -30.97 -3.84
CA ASN A 374 -24.03 -30.85 -4.26
C ASN A 374 -24.15 -30.15 -5.60
N LEU A 375 -23.20 -29.28 -5.93
CA LEU A 375 -23.18 -28.66 -7.25
C LEU A 375 -22.83 -29.69 -8.32
N SER A 376 -23.20 -29.36 -9.56
CA SER A 376 -22.84 -30.17 -10.72
C SER A 376 -22.35 -29.23 -11.82
N PHE A 377 -21.17 -29.54 -12.36
CA PHE A 377 -20.50 -28.66 -13.32
C PHE A 377 -19.66 -29.52 -14.26
N ASP A 378 -19.28 -28.93 -15.38
CA ASP A 378 -18.55 -29.66 -16.40
C ASP A 378 -17.16 -30.05 -15.91
N LYS A 379 -16.76 -31.28 -16.24
CA LYS A 379 -15.38 -31.71 -16.11
C LYS A 379 -14.71 -31.48 -17.45
N GLN A 380 -13.79 -30.52 -17.51
CA GLN A 380 -13.15 -30.16 -18.76
C GLN A 380 -12.03 -31.14 -19.07
N SER A 381 -11.93 -31.52 -20.34
CA SER A 381 -10.88 -32.43 -20.76
C SER A 381 -9.51 -31.84 -20.47
N LEU A 382 -8.63 -32.64 -19.88
CA LEU A 382 -7.28 -32.19 -19.56
C LEU A 382 -6.40 -32.40 -20.78
N LEU A 383 -5.86 -31.30 -21.31
CA LEU A 383 -4.98 -31.38 -22.47
C LEU A 383 -3.62 -31.88 -22.05
N LYS A 384 -2.93 -32.56 -22.98
CA LYS A 384 -1.64 -33.13 -22.66
C LYS A 384 -0.54 -32.09 -22.89
N GLU A 385 0.70 -32.46 -22.56
CA GLU A 385 1.81 -31.54 -22.68
C GLU A 385 2.30 -31.48 -24.12
N ASN A 386 2.58 -30.27 -24.59
CA ASN A 386 3.14 -30.03 -25.92
C ASN A 386 2.30 -30.69 -27.01
N THR A 387 1.05 -30.21 -27.12
CA THR A 387 0.13 -30.65 -28.15
C THR A 387 -0.49 -29.45 -28.84
N VAL A 388 -1.26 -28.67 -28.08
CA VAL A 388 -2.10 -27.61 -28.64
C VAL A 388 -1.25 -26.39 -28.97
N THR A 389 -1.34 -25.94 -30.22
CA THR A 389 -0.78 -24.65 -30.61
C THR A 389 -1.68 -23.52 -30.11
N CYS A 390 -1.10 -22.32 -30.03
CA CYS A 390 -1.82 -21.18 -29.46
C CYS A 390 -3.03 -20.79 -30.30
N GLN A 391 -2.93 -20.91 -31.63
CA GLN A 391 -4.08 -20.68 -32.49
C GLN A 391 -5.26 -21.53 -32.06
N GLU A 392 -5.02 -22.85 -31.96
CA GLU A 392 -6.04 -23.77 -31.47
C GLU A 392 -6.52 -23.38 -30.07
N ALA A 393 -5.60 -22.92 -29.22
CA ALA A 393 -5.98 -22.55 -27.86
C ALA A 393 -6.71 -21.21 -27.80
N MET A 394 -6.44 -20.31 -28.75
CA MET A 394 -7.30 -19.14 -28.91
C MET A 394 -8.72 -19.59 -29.23
N HIS A 395 -8.86 -20.51 -30.19
CA HIS A 395 -10.17 -21.06 -30.53
C HIS A 395 -10.87 -21.66 -29.31
N MET A 396 -10.16 -22.55 -28.60
CA MET A 396 -10.75 -23.24 -27.46
C MET A 396 -11.11 -22.30 -26.33
N LEU A 397 -10.21 -21.36 -26.01
CA LEU A 397 -10.50 -20.37 -24.98
C LEU A 397 -11.74 -19.55 -25.35
N LYS A 398 -11.89 -19.22 -26.63
CA LYS A 398 -13.11 -18.55 -27.06
C LYS A 398 -14.33 -19.41 -26.81
N ASN A 399 -14.23 -20.71 -27.11
CA ASN A 399 -15.36 -21.61 -26.94
C ASN A 399 -15.52 -22.15 -25.53
N ALA A 400 -14.51 -22.00 -24.67
CA ALA A 400 -14.54 -22.63 -23.36
C ALA A 400 -15.68 -22.11 -22.50
N ASP A 401 -16.20 -22.97 -21.63
CA ASP A 401 -17.29 -22.59 -20.75
C ASP A 401 -16.84 -21.55 -19.72
N SER A 402 -15.78 -21.85 -18.98
CA SER A 402 -15.23 -20.94 -17.99
C SER A 402 -14.07 -20.10 -18.52
N GLN A 403 -13.70 -20.27 -19.79
CA GLN A 403 -12.60 -19.54 -20.43
C GLN A 403 -11.28 -19.75 -19.68
N LEU A 404 -10.93 -21.02 -19.49
CA LEU A 404 -9.62 -21.40 -19.00
C LEU A 404 -9.29 -22.78 -19.57
N LEU A 405 -7.99 -23.04 -19.73
CA LEU A 405 -7.56 -24.35 -20.22
C LEU A 405 -6.76 -25.07 -19.15
N VAL A 406 -6.80 -26.41 -19.22
CA VAL A 406 -6.20 -27.28 -18.22
C VAL A 406 -5.17 -28.15 -18.91
N ILE A 407 -3.95 -28.18 -18.36
CA ILE A 407 -2.85 -28.97 -18.91
C ILE A 407 -2.39 -29.95 -17.83
N SER A 408 -2.34 -31.23 -18.18
CA SER A 408 -1.98 -32.28 -17.23
C SER A 408 -1.12 -33.32 -17.92
N ASP A 409 0.02 -33.66 -17.30
CA ASP A 409 0.84 -34.74 -17.82
C ASP A 409 0.37 -36.12 -17.37
N ASP A 410 -0.37 -36.20 -16.26
CA ASP A 410 -0.78 -37.48 -15.69
C ASP A 410 -2.19 -37.91 -16.08
N ASN A 411 -2.92 -37.09 -16.83
CA ASN A 411 -4.31 -37.30 -17.21
C ASN A 411 -5.26 -37.22 -16.02
N ILE A 412 -4.75 -37.07 -14.79
CA ILE A 412 -5.60 -36.97 -13.61
C ILE A 412 -5.38 -35.62 -12.95
N HIS A 413 -4.18 -35.39 -12.43
CA HIS A 413 -3.88 -34.15 -11.71
C HIS A 413 -3.56 -33.03 -12.69
N ILE A 414 -3.97 -31.81 -12.34
CA ILE A 414 -3.82 -30.66 -13.22
C ILE A 414 -2.46 -30.02 -12.99
N LYS A 415 -1.63 -30.00 -14.03
CA LYS A 415 -0.29 -29.41 -13.93
C LYS A 415 -0.34 -27.89 -14.04
N GLY A 416 -1.13 -27.36 -14.96
CA GLY A 416 -1.16 -25.93 -15.15
C GLY A 416 -2.43 -25.49 -15.85
N VAL A 417 -2.58 -24.16 -15.98
CA VAL A 417 -3.76 -23.56 -16.60
C VAL A 417 -3.32 -22.57 -17.66
N ILE A 418 -4.23 -22.30 -18.59
CA ILE A 418 -4.01 -21.35 -19.66
C ILE A 418 -5.12 -20.30 -19.60
N SER A 419 -4.72 -19.04 -19.45
CA SER A 419 -5.64 -17.92 -19.41
C SER A 419 -5.39 -17.02 -20.62
N LEU A 420 -6.42 -16.27 -21.00
CA LEU A 420 -6.30 -15.36 -22.14
C LEU A 420 -5.32 -14.23 -21.85
N ASN A 421 -5.26 -13.77 -20.60
CA ASN A 421 -4.38 -12.65 -20.27
C ASN A 421 -2.92 -13.04 -20.38
N LYS A 422 -2.53 -14.16 -19.75
CA LYS A 422 -1.16 -14.63 -19.84
C LYS A 422 -0.77 -14.93 -21.28
N LEU A 423 -1.66 -15.60 -22.02
CA LEU A 423 -1.37 -15.93 -23.42
C LEU A 423 -1.15 -14.67 -24.25
N THR A 424 -2.03 -13.68 -24.09
CA THR A 424 -1.89 -12.44 -24.86
C THR A 424 -0.61 -11.70 -24.47
N SER A 425 -0.27 -11.71 -23.18
CA SER A 425 0.96 -11.10 -22.72
C SER A 425 2.17 -11.73 -23.40
N TYR A 426 2.23 -13.07 -23.40
CA TYR A 426 3.39 -13.75 -23.99
C TYR A 426 3.43 -13.63 -25.50
N VAL A 427 2.26 -13.60 -26.15
CA VAL A 427 2.22 -13.45 -27.60
C VAL A 427 2.68 -12.05 -28.01
N ILE A 428 2.26 -11.04 -27.26
CA ILE A 428 2.65 -9.67 -27.59
C ILE A 428 4.13 -9.45 -27.29
N SER A 429 4.60 -9.88 -26.12
CA SER A 429 6.00 -9.71 -25.76
C SER A 429 6.95 -10.51 -26.66
N GLY A 430 6.44 -11.47 -27.43
CA GLY A 430 7.27 -12.28 -28.30
C GLY A 430 7.75 -13.58 -27.69
N ILE A 431 7.47 -13.82 -26.41
CA ILE A 431 7.90 -15.06 -25.76
C ILE A 431 7.30 -16.27 -26.45
N VAL A 432 6.08 -16.13 -26.96
CA VAL A 432 5.34 -17.24 -27.55
C VAL A 432 4.89 -16.85 -28.95
N LYS A 433 5.39 -17.56 -29.96
CA LYS A 433 4.94 -17.39 -31.32
C LYS A 433 3.56 -18.02 -31.51
N CYS A 434 2.86 -17.58 -32.56
CA CYS A 434 1.50 -18.04 -32.80
C CYS A 434 1.44 -19.57 -32.94
N THR A 435 2.39 -20.15 -33.66
CA THR A 435 2.41 -21.59 -33.88
C THR A 435 3.20 -22.34 -32.81
N ASP A 436 3.68 -21.65 -31.79
CA ASP A 436 4.36 -22.31 -30.69
C ASP A 436 3.33 -23.06 -29.83
N PHE A 437 3.82 -23.71 -28.77
CA PHE A 437 2.97 -24.49 -27.87
C PHE A 437 2.52 -23.64 -26.70
N VAL A 438 1.28 -23.86 -26.24
CA VAL A 438 0.72 -23.05 -25.17
C VAL A 438 1.37 -23.34 -23.83
N ASP A 439 2.08 -24.47 -23.69
CA ASP A 439 2.73 -24.77 -22.43
C ASP A 439 3.74 -23.70 -22.01
N LYS A 440 4.27 -22.92 -22.95
CA LYS A 440 5.15 -21.82 -22.59
C LYS A 440 4.42 -20.72 -21.83
N ALA A 441 3.15 -20.49 -22.16
CA ALA A 441 2.33 -19.50 -21.47
C ALA A 441 1.56 -20.09 -20.28
N MET A 442 1.81 -21.35 -19.94
CA MET A 442 1.11 -21.99 -18.84
C MET A 442 1.35 -21.25 -17.53
N VAL A 443 0.32 -21.23 -16.68
CA VAL A 443 0.38 -20.60 -15.36
C VAL A 443 0.41 -21.73 -14.34
N LYS A 444 1.55 -21.87 -13.66
CA LYS A 444 1.72 -22.96 -12.70
C LYS A 444 1.09 -22.67 -11.34
N GLN A 445 0.84 -21.41 -11.02
CA GLN A 445 0.12 -21.04 -9.80
C GLN A 445 -1.31 -20.66 -10.16
N TYR A 446 -2.25 -21.05 -9.29
CA TYR A 446 -3.68 -20.91 -9.57
C TYR A 446 -4.45 -21.35 -8.34
N VAL A 447 -5.73 -20.97 -8.30
CA VAL A 447 -6.55 -21.17 -7.12
C VAL A 447 -7.24 -22.52 -7.21
N LYS A 448 -6.99 -23.38 -6.23
CA LYS A 448 -7.56 -24.72 -6.17
C LYS A 448 -8.25 -24.93 -4.83
N VAL A 449 -9.43 -25.54 -4.88
CA VAL A 449 -10.28 -25.71 -3.70
C VAL A 449 -10.70 -27.17 -3.62
N LYS A 450 -10.70 -27.72 -2.41
CA LYS A 450 -11.14 -29.09 -2.19
C LYS A 450 -12.61 -29.24 -2.56
N HIS A 451 -12.97 -30.44 -3.02
CA HIS A 451 -14.36 -30.74 -3.38
C HIS A 451 -15.30 -30.62 -2.19
N SER A 452 -14.79 -30.78 -0.97
CA SER A 452 -15.61 -30.79 0.24
C SER A 452 -15.84 -29.41 0.83
N ALA A 453 -15.33 -28.35 0.20
CA ALA A 453 -15.50 -27.01 0.75
C ALA A 453 -16.96 -26.58 0.66
N THR A 454 -17.32 -25.65 1.55
CA THR A 454 -18.68 -25.13 1.57
C THR A 454 -18.88 -24.12 0.44
N LEU A 455 -20.15 -23.94 0.06
CA LEU A 455 -20.49 -22.99 -1.01
C LEU A 455 -20.30 -21.55 -0.57
N GLY A 456 -20.36 -21.25 0.73
CA GLY A 456 -20.08 -19.91 1.18
C GLY A 456 -18.62 -19.54 1.01
N TYR A 457 -17.72 -20.49 1.27
CA TYR A 457 -16.31 -20.27 1.01
C TYR A 457 -16.05 -20.01 -0.46
N ILE A 458 -16.66 -20.84 -1.33
CA ILE A 458 -16.47 -20.69 -2.77
C ILE A 458 -17.02 -19.34 -3.24
N SER A 459 -18.24 -19.00 -2.82
CA SER A 459 -18.82 -17.74 -3.22
C SER A 459 -18.00 -16.55 -2.72
N ARG A 460 -17.35 -16.70 -1.56
CA ARG A 460 -16.48 -15.65 -1.07
C ARG A 460 -15.23 -15.53 -1.93
N VAL A 461 -14.62 -16.65 -2.29
CA VAL A 461 -13.41 -16.65 -3.11
C VAL A 461 -13.69 -16.09 -4.50
N LEU A 462 -14.89 -16.37 -5.04
CA LEU A 462 -15.25 -15.97 -6.39
C LEU A 462 -15.40 -14.47 -6.56
N GLU A 463 -15.48 -13.71 -5.47
CA GLU A 463 -15.61 -12.26 -5.59
C GLU A 463 -14.38 -11.63 -6.22
N LYS A 464 -13.22 -12.28 -6.10
CA LYS A 464 -12.00 -11.85 -6.78
C LYS A 464 -11.66 -12.76 -7.95
N GLU A 465 -11.36 -14.02 -7.69
CA GLU A 465 -11.02 -14.96 -8.75
C GLU A 465 -12.25 -15.32 -9.56
N PRO A 466 -12.26 -15.10 -10.87
CA PRO A 466 -13.43 -15.48 -11.67
C PRO A 466 -13.61 -16.99 -11.79
N TYR A 467 -12.53 -17.75 -11.72
CA TYR A 467 -12.56 -19.21 -11.82
C TYR A 467 -11.95 -19.82 -10.58
N VAL A 468 -12.37 -21.04 -10.26
CA VAL A 468 -11.79 -21.81 -9.17
C VAL A 468 -11.69 -23.26 -9.63
N ILE A 469 -10.49 -23.84 -9.50
CA ILE A 469 -10.28 -25.24 -9.84
C ILE A 469 -10.67 -26.11 -8.66
N ILE A 470 -11.54 -27.08 -8.91
CA ILE A 470 -12.00 -28.02 -7.88
C ILE A 470 -11.18 -29.29 -7.99
N LEU A 471 -10.58 -29.70 -6.89
CA LEU A 471 -9.81 -30.92 -6.81
C LEU A 471 -10.49 -31.89 -5.85
N ASP A 472 -10.25 -33.18 -6.06
CA ASP A 472 -10.91 -34.22 -5.28
C ASP A 472 -10.02 -34.55 -4.09
N ASP A 473 -10.47 -34.18 -2.89
CA ASP A 473 -9.64 -34.36 -1.70
C ASP A 473 -9.49 -35.84 -1.35
N GLU A 474 -10.48 -36.66 -1.69
CA GLU A 474 -10.43 -38.06 -1.30
C GLU A 474 -9.47 -38.86 -2.16
N HIS A 475 -9.52 -38.69 -3.49
CA HIS A 475 -8.59 -39.37 -4.38
C HIS A 475 -7.57 -38.36 -4.91
N ASP A 476 -6.36 -38.42 -4.35
CA ASP A 476 -5.13 -37.86 -4.90
C ASP A 476 -5.26 -36.47 -5.51
N ASP A 477 -6.04 -35.59 -4.91
CA ASP A 477 -6.28 -34.23 -5.44
C ASP A 477 -6.59 -34.27 -6.93
N ALA A 478 -7.44 -35.22 -7.34
CA ALA A 478 -7.74 -35.42 -8.74
C ALA A 478 -8.58 -34.27 -9.27
N PHE A 479 -8.36 -33.93 -10.55
CA PHE A 479 -9.08 -32.82 -11.16
C PHE A 479 -10.54 -33.19 -11.37
N ILE A 480 -11.44 -32.31 -10.95
CA ILE A 480 -12.88 -32.50 -11.09
C ILE A 480 -13.46 -31.55 -12.13
N GLY A 481 -13.38 -30.25 -11.88
CA GLY A 481 -13.89 -29.28 -12.84
C GLY A 481 -13.60 -27.88 -12.37
N ILE A 482 -14.07 -26.92 -13.16
CA ILE A 482 -13.86 -25.50 -12.89
C ILE A 482 -15.20 -24.88 -12.52
N VAL A 483 -15.20 -24.07 -11.46
CA VAL A 483 -16.41 -23.46 -10.92
C VAL A 483 -16.29 -21.95 -11.02
N ASN A 484 -17.36 -21.30 -11.48
CA ASN A 484 -17.44 -19.85 -11.59
C ASN A 484 -18.72 -19.38 -10.92
N GLN A 485 -18.97 -18.07 -10.97
CA GLN A 485 -20.16 -17.52 -10.34
C GLN A 485 -21.45 -17.93 -11.05
N PHE A 486 -21.35 -18.39 -12.31
CA PHE A 486 -22.53 -18.89 -13.00
C PHE A 486 -23.12 -20.10 -12.28
N HIS A 487 -22.26 -21.02 -11.83
CA HIS A 487 -22.75 -22.19 -11.10
C HIS A 487 -23.34 -21.81 -9.75
N ILE A 488 -22.78 -20.79 -9.10
CA ILE A 488 -23.31 -20.34 -7.80
C ILE A 488 -24.69 -19.72 -7.98
N LEU A 489 -24.83 -18.81 -8.94
CA LEU A 489 -26.15 -18.24 -9.22
C LEU A 489 -27.14 -19.32 -9.62
N GLN A 490 -26.69 -20.28 -10.44
CA GLN A 490 -27.57 -21.35 -10.89
C GLN A 490 -28.01 -22.25 -9.74
N PHE A 491 -27.17 -22.41 -8.72
CA PHE A 491 -27.60 -23.20 -7.57
C PHE A 491 -28.50 -22.41 -6.64
N ILE A 492 -28.23 -21.11 -6.47
CA ILE A 492 -29.01 -20.29 -5.54
C ILE A 492 -30.42 -20.08 -6.08
N THR A 493 -30.54 -19.60 -7.32
CA THR A 493 -31.84 -19.19 -7.83
C THR A 493 -32.77 -20.38 -8.05
N LYS A 494 -32.27 -21.45 -8.65
CA LYS A 494 -33.12 -22.59 -8.97
C LYS A 494 -33.37 -23.50 -7.77
N ASN A 495 -32.77 -23.19 -6.63
CA ASN A 495 -32.94 -23.93 -5.37
C ASN A 495 -33.00 -25.44 -5.54
N GLN B 5 -23.02 23.32 8.50
CA GLN B 5 -22.54 23.85 7.23
C GLN B 5 -21.06 24.16 7.30
N PRO B 6 -20.25 23.38 6.57
CA PRO B 6 -18.80 23.60 6.59
C PRO B 6 -18.36 24.87 5.89
N ASN B 7 -19.19 25.46 5.04
CA ASN B 7 -18.81 26.61 4.21
C ASN B 7 -19.09 27.96 4.88
N ARG B 8 -19.58 27.96 6.11
CA ARG B 8 -19.95 29.20 6.78
C ARG B 8 -18.74 30.11 6.97
N PRO B 9 -18.97 31.41 7.13
CA PRO B 9 -17.86 32.30 7.50
C PRO B 9 -17.44 32.08 8.94
N SER B 10 -16.14 32.30 9.18
CA SER B 10 -15.55 32.02 10.49
C SER B 10 -15.73 33.20 11.44
N TYR B 11 -16.01 32.89 12.70
CA TYR B 11 -16.13 33.89 13.75
C TYR B 11 -14.83 34.16 14.47
N CYS B 12 -13.73 33.53 14.04
CA CYS B 12 -12.46 33.72 14.71
C CYS B 12 -12.04 35.18 14.63
N THR B 13 -11.78 35.77 15.78
CA THR B 13 -11.37 37.17 15.89
C THR B 13 -9.85 37.33 15.84
N TRP B 14 -9.12 36.24 15.61
CA TRP B 14 -7.66 36.31 15.58
C TRP B 14 -7.18 37.37 14.61
N GLU B 15 -6.30 38.23 15.10
CA GLU B 15 -5.58 39.20 14.29
C GLU B 15 -4.10 39.02 14.56
N LEU B 16 -3.27 39.55 13.66
CA LEU B 16 -1.84 39.30 13.71
C LEU B 16 -1.27 39.71 15.07
N ASN B 17 -0.58 38.76 15.72
CA ASN B 17 0.12 39.01 16.98
C ASN B 17 -0.84 39.39 18.11
N ALA B 18 -2.03 38.80 18.11
CA ALA B 18 -2.92 38.96 19.26
C ALA B 18 -2.42 38.10 20.42
N THR B 19 -2.83 38.49 21.63
CA THR B 19 -2.27 37.86 22.83
C THR B 19 -3.20 36.81 23.43
N ASN B 20 -4.30 37.24 24.05
CA ASN B 20 -5.17 36.32 24.76
C ASN B 20 -6.07 35.60 23.77
N SER B 21 -6.04 34.26 23.80
CA SER B 21 -6.80 33.43 22.89
C SER B 21 -7.68 32.46 23.66
N PRO B 22 -8.91 32.20 23.19
CA PRO B 22 -9.75 31.20 23.84
C PRO B 22 -9.26 29.77 23.63
N HIS B 23 -8.47 29.53 22.60
CA HIS B 23 -8.09 28.18 22.21
C HIS B 23 -7.00 27.62 23.10
N THR B 24 -6.97 26.29 23.20
CA THR B 24 -5.90 25.60 23.90
C THR B 24 -4.61 25.66 23.08
N CYS B 25 -3.49 25.49 23.77
CA CYS B 25 -2.16 25.49 23.14
C CYS B 25 -1.43 24.22 23.55
N ARG B 26 -1.17 23.34 22.59
CA ARG B 26 -0.42 22.11 22.83
C ARG B 26 0.88 22.18 22.04
N THR B 27 1.99 22.33 22.75
CA THR B 27 3.28 22.62 22.12
C THR B 27 3.96 21.36 21.58
N LYS B 28 3.93 20.26 22.34
CA LYS B 28 4.62 19.03 21.93
CA LYS B 28 4.60 19.04 21.93
C LYS B 28 3.75 17.83 22.26
N ASN B 29 3.74 16.85 21.36
CA ASN B 29 2.93 15.64 21.49
C ASN B 29 3.61 14.53 22.29
N GLY B 30 4.91 14.61 22.52
CA GLY B 30 5.60 13.53 23.22
C GLY B 30 7.09 13.69 23.13
N ASP B 31 7.78 12.77 23.84
CA ASP B 31 9.24 12.79 23.95
C ASP B 31 9.78 11.49 23.37
N TYR B 32 10.51 11.60 22.25
CA TYR B 32 11.08 10.43 21.60
C TYR B 32 12.28 9.86 22.35
N THR B 33 12.89 10.65 23.24
CA THR B 33 14.10 10.18 23.92
C THR B 33 13.80 9.12 24.96
N LYS B 34 12.55 8.99 25.40
CA LYS B 34 12.16 8.00 26.39
C LYS B 34 10.96 7.22 25.85
N ILE B 35 10.49 6.26 26.66
CA ILE B 35 9.40 5.40 26.22
C ILE B 35 8.12 6.22 26.14
N MET B 36 7.40 6.06 25.02
CA MET B 36 6.16 6.78 24.74
C MET B 36 4.96 5.93 25.13
N PRO B 37 3.96 6.50 25.82
CA PRO B 37 2.84 5.67 26.30
C PRO B 37 1.97 5.09 25.19
N ASP B 38 1.78 5.81 24.09
CA ASP B 38 0.96 5.31 22.99
C ASP B 38 1.44 5.93 21.69
N ILE B 39 1.02 5.30 20.58
CA ILE B 39 1.53 5.70 19.26
C ILE B 39 1.12 7.14 18.93
N LEU B 40 0.02 7.63 19.52
CA LEU B 40 -0.42 8.99 19.23
C LEU B 40 0.60 10.02 19.71
N THR B 41 1.33 9.71 20.78
CA THR B 41 2.38 10.61 21.24
C THR B 41 3.54 10.69 20.27
N ALA B 42 3.63 9.79 19.29
CA ALA B 42 4.66 9.83 18.27
C ALA B 42 4.26 10.70 17.08
N ILE B 43 3.02 11.18 17.01
CA ILE B 43 2.61 12.05 15.92
C ILE B 43 3.40 13.34 15.96
N GLY B 44 3.83 13.79 14.79
CA GLY B 44 4.58 15.03 14.70
C GLY B 44 6.08 14.81 14.74
N GLN B 45 6.79 15.93 14.84
CA GLN B 45 8.26 15.94 14.86
C GLN B 45 8.82 15.27 13.62
N THR B 46 8.31 15.64 12.49
CA THR B 46 8.72 15.08 11.22
C THR B 46 9.94 15.81 10.67
N PRO B 47 10.82 15.11 9.95
CA PRO B 47 12.08 15.72 9.54
C PRO B 47 11.89 16.72 8.41
N LEU B 48 12.78 17.71 8.36
CA LEU B 48 12.86 18.66 7.27
C LEU B 48 14.05 18.26 6.41
N ILE B 49 13.78 17.78 5.20
CA ILE B 49 14.79 17.21 4.32
C ILE B 49 15.06 18.20 3.20
N LYS B 50 16.31 18.23 2.73
CA LYS B 50 16.68 19.07 1.61
C LYS B 50 16.38 18.36 0.29
N LEU B 51 15.89 19.12 -0.68
CA LEU B 51 15.78 18.63 -2.05
C LEU B 51 17.09 18.91 -2.77
N ASN B 52 17.66 17.88 -3.39
CA ASN B 52 19.00 17.96 -3.97
C ASN B 52 18.98 17.91 -5.49
N ASN B 53 18.52 16.81 -6.08
CA ASN B 53 18.63 16.62 -7.53
C ASN B 53 17.55 17.38 -8.30
N ILE B 54 16.31 17.37 -7.81
CA ILE B 54 15.19 17.95 -8.54
C ILE B 54 15.40 19.43 -8.82
N PRO B 55 15.66 20.29 -7.81
CA PRO B 55 15.76 21.73 -8.13
C PRO B 55 16.92 22.08 -9.03
N LYS B 56 18.07 21.41 -8.88
CA LYS B 56 19.21 21.70 -9.74
C LYS B 56 18.96 21.22 -11.17
N SER B 57 18.20 20.13 -11.33
CA SER B 57 17.88 19.68 -12.68
C SER B 57 16.98 20.67 -13.40
N TYR B 58 16.16 21.41 -12.66
CA TYR B 58 15.32 22.45 -13.22
C TYR B 58 16.00 23.81 -13.23
N GLY B 59 17.25 23.90 -12.79
CA GLY B 59 17.97 25.16 -12.81
C GLY B 59 17.57 26.14 -11.73
N ILE B 60 17.23 25.66 -10.55
CA ILE B 60 16.78 26.52 -9.46
C ILE B 60 17.98 26.95 -8.62
N LYS B 61 18.13 28.26 -8.43
CA LYS B 61 19.23 28.79 -7.63
C LYS B 61 18.97 28.60 -6.13
N CYS B 62 17.77 28.94 -5.67
CA CYS B 62 17.42 28.83 -4.26
C CYS B 62 17.24 27.37 -3.85
N GLU B 63 17.31 27.14 -2.54
CA GLU B 63 17.19 25.80 -1.99
C GLU B 63 15.80 25.54 -1.46
N ILE B 64 15.34 24.30 -1.66
CA ILE B 64 13.98 23.88 -1.33
C ILE B 64 14.06 22.71 -0.36
N TYR B 65 13.28 22.79 0.73
CA TYR B 65 13.22 21.75 1.74
C TYR B 65 11.81 21.18 1.76
N ALA B 66 11.72 19.85 1.77
CA ALA B 66 10.45 19.14 1.94
C ALA B 66 10.27 18.80 3.41
N LYS B 67 9.13 19.21 3.95
CA LYS B 67 8.70 18.79 5.28
C LYS B 67 7.85 17.54 5.09
N CYS B 68 8.36 16.41 5.56
CA CYS B 68 7.79 15.11 5.17
C CYS B 68 6.77 14.71 6.23
N GLU B 69 5.50 14.77 5.86
CA GLU B 69 4.43 14.40 6.76
C GLU B 69 3.96 12.97 6.55
N PHE B 70 4.52 12.27 5.57
CA PHE B 70 4.22 10.85 5.39
C PHE B 70 4.91 9.98 6.43
N LEU B 71 5.78 10.56 7.25
CA LEU B 71 6.50 9.83 8.29
C LEU B 71 5.77 9.84 9.64
N ASN B 72 4.58 10.42 9.71
CA ASN B 72 3.73 10.27 10.87
C ASN B 72 3.29 8.82 11.02
N PRO B 73 2.87 8.40 12.23
CA PRO B 73 2.55 6.97 12.43
C PRO B 73 1.34 6.49 11.65
N GLY B 74 0.41 7.38 11.28
CA GLY B 74 -0.70 6.98 10.44
C GLY B 74 -0.47 7.12 8.95
N GLY B 75 0.60 7.81 8.56
CA GLY B 75 0.99 7.92 7.17
C GLY B 75 0.71 9.26 6.51
N SER B 76 0.17 10.23 7.23
CA SER B 76 -0.20 11.50 6.62
C SER B 76 -0.07 12.62 7.63
N VAL B 77 -0.38 13.83 7.17
CA VAL B 77 -0.38 14.99 8.05
C VAL B 77 -1.65 15.03 8.89
N LYS B 78 -2.72 14.41 8.41
CA LYS B 78 -4.00 14.44 9.13
C LYS B 78 -3.88 13.84 10.53
N ASP B 79 -2.89 12.97 10.77
CA ASP B 79 -2.69 12.47 12.13
C ASP B 79 -2.60 13.61 13.12
N ARG B 80 -1.97 14.72 12.74
CA ARG B 80 -1.84 15.84 13.65
C ARG B 80 -3.20 16.42 14.02
N ILE B 81 -4.12 16.54 13.04
CA ILE B 81 -5.39 17.19 13.33
C ILE B 81 -6.33 16.26 14.09
N ALA B 82 -6.38 14.99 13.70
CA ALA B 82 -7.26 14.05 14.39
C ALA B 82 -6.94 14.01 15.88
N TYR B 83 -5.69 13.67 16.22
CA TYR B 83 -5.26 13.66 17.61
C TYR B 83 -5.56 14.99 18.29
N ARG B 84 -5.44 16.10 17.56
CA ARG B 84 -5.76 17.38 18.17
C ARG B 84 -7.24 17.46 18.50
N MET B 85 -8.10 17.23 17.51
CA MET B 85 -9.53 17.40 17.71
C MET B 85 -10.01 16.57 18.89
N ILE B 86 -9.74 15.27 18.85
CA ILE B 86 -10.09 14.37 19.94
C ILE B 86 -9.63 14.96 21.27
N GLN B 87 -8.35 15.37 21.33
CA GLN B 87 -7.80 15.92 22.57
C GLN B 87 -8.71 17.03 23.09
N ASP B 88 -8.97 18.03 22.25
CA ASP B 88 -9.77 19.16 22.70
C ASP B 88 -11.17 18.70 23.11
N ALA B 89 -11.76 17.78 22.33
CA ALA B 89 -13.06 17.25 22.69
C ALA B 89 -13.02 16.62 24.07
N GLU B 90 -11.97 15.83 24.34
CA GLU B 90 -11.88 15.16 25.63
C GLU B 90 -11.72 16.16 26.76
N ASP B 91 -11.16 17.34 26.48
CA ASP B 91 -11.08 18.34 27.53
C ASP B 91 -12.39 19.09 27.71
N LYS B 92 -13.22 19.13 26.67
CA LYS B 92 -14.53 19.76 26.77
C LYS B 92 -15.59 18.81 27.31
N GLY B 93 -15.23 17.55 27.57
CA GLY B 93 -16.17 16.57 28.05
C GLY B 93 -17.08 15.99 26.99
N LEU B 94 -16.83 16.28 25.71
CA LEU B 94 -17.67 15.79 24.64
C LEU B 94 -17.37 14.35 24.26
N LEU B 95 -16.18 13.85 24.60
CA LEU B 95 -15.78 12.49 24.26
C LEU B 95 -15.67 11.67 25.55
N LYS B 96 -16.49 10.64 25.65
CA LYS B 96 -16.52 9.72 26.77
C LYS B 96 -16.19 8.32 26.27
N PRO B 97 -15.70 7.45 27.15
CA PRO B 97 -15.50 6.05 26.74
C PRO B 97 -16.83 5.44 26.29
N GLY B 98 -16.81 4.82 25.11
CA GLY B 98 -18.02 4.33 24.49
C GLY B 98 -18.62 5.24 23.44
N CYS B 99 -18.05 6.42 23.23
CA CYS B 99 -18.53 7.31 22.18
C CYS B 99 -18.13 6.77 20.81
N THR B 100 -18.86 7.22 19.79
CA THR B 100 -18.64 6.80 18.40
C THR B 100 -18.25 8.03 17.58
N ILE B 101 -17.01 8.06 17.11
CA ILE B 101 -16.54 9.17 16.27
C ILE B 101 -17.00 8.92 14.84
N ILE B 102 -17.72 9.90 14.28
CA ILE B 102 -18.19 9.85 12.90
C ILE B 102 -17.46 10.94 12.13
N GLU B 103 -16.90 10.58 10.97
CA GLU B 103 -16.29 11.60 10.15
C GLU B 103 -16.83 11.55 8.72
N PRO B 104 -17.08 12.72 8.12
CA PRO B 104 -17.47 12.78 6.68
C PRO B 104 -16.27 13.01 5.76
N THR B 105 -15.38 12.02 5.69
CA THR B 105 -14.27 12.10 4.74
C THR B 105 -13.85 10.70 4.34
N SER B 106 -13.39 10.58 3.09
CA SER B 106 -12.70 9.38 2.63
C SER B 106 -11.19 9.51 2.70
N GLY B 107 -10.69 10.65 3.17
CA GLY B 107 -9.28 10.96 3.12
C GLY B 107 -8.49 10.40 4.29
N ASN B 108 -7.27 10.92 4.43
CA ASN B 108 -6.38 10.44 5.49
C ASN B 108 -6.93 10.76 6.87
N THR B 109 -7.77 11.79 6.99
CA THR B 109 -8.36 12.12 8.29
C THR B 109 -9.15 10.95 8.85
N GLY B 110 -9.77 10.14 7.98
CA GLY B 110 -10.45 8.95 8.46
C GLY B 110 -9.50 7.93 9.04
N ILE B 111 -8.30 7.81 8.48
CA ILE B 111 -7.33 6.87 9.00
C ILE B 111 -6.75 7.37 10.31
N GLY B 112 -6.49 8.68 10.41
CA GLY B 112 -5.98 9.23 11.66
C GLY B 112 -7.00 9.15 12.78
N LEU B 113 -8.26 9.49 12.49
CA LEU B 113 -9.32 9.35 13.48
C LEU B 113 -9.58 7.90 13.83
N ALA B 114 -9.44 6.98 12.88
CA ALA B 114 -9.62 5.57 13.18
C ALA B 114 -8.49 5.05 14.06
N MET B 115 -7.27 5.52 13.82
CA MET B 115 -6.13 5.09 14.62
C MET B 115 -6.23 5.62 16.04
N ALA B 116 -6.48 6.93 16.18
CA ALA B 116 -6.62 7.52 17.51
C ALA B 116 -7.83 6.95 18.25
N ALA B 117 -8.90 6.61 17.51
CA ALA B 117 -10.04 5.96 18.15
C ALA B 117 -9.71 4.54 18.58
N ALA B 118 -8.85 3.85 17.81
CA ALA B 118 -8.42 2.51 18.21
C ALA B 118 -7.56 2.58 19.47
N VAL B 119 -6.73 3.60 19.60
CA VAL B 119 -5.94 3.76 20.82
C VAL B 119 -6.84 4.10 22.00
N ARG B 120 -7.77 5.04 21.80
CA ARG B 120 -8.62 5.53 22.88
C ARG B 120 -9.78 4.58 23.20
N GLY B 121 -10.02 3.57 22.38
CA GLY B 121 -11.16 2.70 22.60
C GLY B 121 -12.48 3.29 22.17
N TYR B 122 -12.49 4.09 21.10
CA TYR B 122 -13.72 4.67 20.57
C TYR B 122 -14.17 3.90 19.34
N LYS B 123 -15.48 3.77 19.18
CA LYS B 123 -16.02 3.30 17.92
C LYS B 123 -15.82 4.38 16.86
N CYS B 124 -15.42 3.96 15.66
CA CYS B 124 -15.14 4.90 14.58
C CYS B 124 -15.95 4.51 13.35
N ILE B 125 -16.68 5.48 12.81
CA ILE B 125 -17.49 5.29 11.62
C ILE B 125 -17.09 6.32 10.58
N ILE B 126 -16.72 5.86 9.39
CA ILE B 126 -16.27 6.71 8.30
C ILE B 126 -17.32 6.64 7.20
N VAL B 127 -17.82 7.80 6.79
CA VAL B 127 -18.82 7.89 5.74
C VAL B 127 -18.12 8.34 4.46
N MET B 128 -18.02 7.43 3.49
CA MET B 128 -17.44 7.75 2.20
C MET B 128 -18.29 7.11 1.12
N PRO B 129 -18.47 7.78 -0.01
CA PRO B 129 -19.22 7.19 -1.11
C PRO B 129 -18.43 6.08 -1.79
N GLU B 130 -19.13 5.27 -2.57
CA GLU B 130 -18.52 4.12 -3.22
C GLU B 130 -17.39 4.56 -4.15
N LYS B 131 -16.21 3.99 -3.92
CA LYS B 131 -15.05 4.15 -4.82
C LYS B 131 -14.66 5.61 -5.02
N MET B 132 -14.94 6.47 -4.03
CA MET B 132 -14.35 7.80 -4.03
C MET B 132 -12.83 7.70 -3.99
N SER B 133 -12.29 6.85 -3.13
CA SER B 133 -10.90 6.45 -3.15
C SER B 133 -10.82 5.03 -2.60
N ASP B 134 -9.87 4.24 -3.09
CA ASP B 134 -9.73 2.86 -2.68
C ASP B 134 -8.28 2.58 -2.33
N GLU B 135 -8.07 1.41 -1.72
CA GLU B 135 -6.87 0.98 -1.01
C GLU B 135 -6.86 1.47 0.43
N LYS B 136 -7.72 2.42 0.78
CA LYS B 136 -7.81 2.85 2.17
C LYS B 136 -8.89 2.11 2.95
N ILE B 137 -9.72 1.35 2.24
CA ILE B 137 -10.82 0.61 2.87
C ILE B 137 -10.27 -0.54 3.71
N SER B 138 -9.27 -1.26 3.19
CA SER B 138 -8.63 -2.31 3.97
C SER B 138 -7.98 -1.75 5.23
N THR B 139 -7.30 -0.60 5.11
CA THR B 139 -6.66 0.01 6.28
C THR B 139 -7.70 0.42 7.31
N LEU B 140 -8.78 1.05 6.87
CA LEU B 140 -9.81 1.48 7.82
C LEU B 140 -10.49 0.29 8.49
N TYR B 141 -10.74 -0.78 7.74
CA TYR B 141 -11.34 -1.97 8.35
C TYR B 141 -10.37 -2.66 9.30
N ALA B 142 -9.06 -2.56 9.04
CA ALA B 142 -8.08 -3.14 9.94
C ALA B 142 -8.02 -2.41 11.27
N LEU B 143 -8.29 -1.11 11.27
CA LEU B 143 -8.30 -0.32 12.50
C LEU B 143 -9.61 -0.44 13.28
N GLY B 144 -10.57 -1.20 12.76
CA GLY B 144 -11.84 -1.40 13.43
C GLY B 144 -12.93 -0.43 13.03
N ALA B 145 -12.75 0.33 11.97
CA ALA B 145 -13.72 1.35 11.59
C ALA B 145 -14.82 0.73 10.74
N LYS B 146 -16.05 1.18 10.98
CA LYS B 146 -17.17 0.86 10.11
C LYS B 146 -17.24 1.89 8.99
N ILE B 147 -17.51 1.41 7.78
CA ILE B 147 -17.57 2.26 6.59
C ILE B 147 -18.98 2.20 6.03
N ILE B 148 -19.52 3.37 5.69
CA ILE B 148 -20.87 3.50 5.15
C ILE B 148 -20.77 4.23 3.81
N ARG B 149 -21.39 3.66 2.78
CA ARG B 149 -21.20 4.10 1.40
C ARG B 149 -22.45 4.80 0.87
N THR B 150 -22.22 5.81 0.02
CA THR B 150 -23.26 6.67 -0.54
C THR B 150 -22.96 6.93 -2.02
N PRO B 151 -23.80 7.69 -2.73
CA PRO B 151 -23.42 8.10 -4.09
C PRO B 151 -22.28 9.11 -4.09
N THR B 152 -21.35 8.91 -5.02
CA THR B 152 -20.16 9.78 -5.09
C THR B 152 -20.43 11.09 -5.83
N GLU B 153 -21.38 11.11 -6.77
CA GLU B 153 -21.51 12.24 -7.67
C GLU B 153 -22.21 13.45 -7.05
N ALA B 154 -22.91 13.26 -5.94
CA ALA B 154 -23.70 14.35 -5.37
C ALA B 154 -22.81 15.42 -4.75
N SER B 155 -23.24 16.67 -4.88
CA SER B 155 -22.56 17.79 -4.24
C SER B 155 -22.78 17.76 -2.73
N TRP B 156 -21.90 18.46 -2.01
CA TRP B 156 -21.95 18.48 -0.56
C TRP B 156 -23.31 18.89 -0.01
N HIS B 157 -24.02 19.78 -0.72
CA HIS B 157 -25.31 20.24 -0.25
C HIS B 157 -26.43 19.25 -0.53
N SER B 158 -26.17 18.19 -1.29
CA SER B 158 -27.18 17.18 -1.55
C SER B 158 -27.40 16.30 -0.31
N PRO B 159 -28.62 15.80 -0.12
CA PRO B 159 -28.88 14.92 1.03
C PRO B 159 -28.15 13.59 0.95
N GLU B 160 -27.76 13.15 -0.24
CA GLU B 160 -27.02 11.91 -0.40
C GLU B 160 -25.52 12.08 -0.15
N ALA B 161 -25.06 13.32 0.07
CA ALA B 161 -23.65 13.55 0.32
C ALA B 161 -23.24 12.98 1.68
N HIS B 162 -21.94 12.70 1.81
CA HIS B 162 -21.45 12.05 3.03
C HIS B 162 -21.57 12.97 4.25
N ILE B 163 -21.47 14.29 4.06
CA ILE B 163 -21.64 15.22 5.17
C ILE B 163 -23.03 15.07 5.78
N SER B 164 -24.04 14.99 4.92
CA SER B 164 -25.42 14.97 5.38
C SER B 164 -25.75 13.64 6.04
N VAL B 165 -25.68 12.56 5.28
CA VAL B 165 -25.93 11.23 5.83
C VAL B 165 -25.07 10.97 7.06
N ALA B 166 -23.89 11.59 7.13
CA ALA B 166 -23.10 11.53 8.36
C ALA B 166 -23.81 12.23 9.51
N GLN B 167 -24.42 13.40 9.24
CA GLN B 167 -25.16 14.09 10.30
C GLN B 167 -26.41 13.32 10.70
N LYS B 168 -27.13 12.74 9.73
CA LYS B 168 -28.31 11.94 10.04
C LYS B 168 -27.94 10.73 10.89
N LEU B 169 -26.91 9.99 10.46
CA LEU B 169 -26.45 8.86 11.25
C LEU B 169 -25.97 9.30 12.64
N GLN B 170 -25.43 10.52 12.74
CA GLN B 170 -25.08 11.05 14.06
C GLN B 170 -26.33 11.26 14.91
N LYS B 171 -27.41 11.77 14.31
CA LYS B 171 -28.67 11.90 15.03
C LYS B 171 -29.20 10.52 15.43
N GLU B 172 -28.96 9.50 14.63
CA GLU B 172 -29.49 8.18 14.92
C GLU B 172 -28.72 7.49 16.04
N ILE B 173 -27.39 7.56 15.99
CA ILE B 173 -26.53 6.87 16.96
C ILE B 173 -26.43 7.71 18.22
N PRO B 174 -26.78 7.15 19.39
CA PRO B 174 -26.77 7.95 20.62
C PRO B 174 -25.35 8.18 21.12
N ASN B 175 -25.15 9.38 21.69
CA ASN B 175 -23.87 9.77 22.29
C ASN B 175 -22.70 9.56 21.32
N SER B 176 -22.92 9.88 20.06
CA SER B 176 -21.86 9.93 19.08
C SER B 176 -21.41 11.37 18.90
N ILE B 177 -20.40 11.58 18.06
CA ILE B 177 -19.89 12.92 17.80
C ILE B 177 -19.32 12.98 16.39
N ILE B 178 -19.44 14.15 15.77
CA ILE B 178 -18.78 14.46 14.51
C ILE B 178 -17.83 15.60 14.78
N LEU B 179 -16.53 15.33 14.62
CA LEU B 179 -15.52 16.39 14.69
C LEU B 179 -15.31 16.86 13.26
N ASP B 180 -15.75 18.08 12.96
CA ASP B 180 -15.83 18.51 11.57
C ASP B 180 -14.53 19.21 11.21
N GLN B 181 -13.73 18.58 10.36
CA GLN B 181 -12.40 19.11 10.07
C GLN B 181 -12.47 20.43 9.32
N TYR B 182 -13.61 20.74 8.71
CA TYR B 182 -13.77 22.03 8.05
C TYR B 182 -14.11 23.14 9.05
N THR B 183 -14.93 22.85 10.06
CA THR B 183 -15.31 23.83 11.07
C THR B 183 -14.51 23.74 12.38
N ASN B 184 -13.59 22.76 12.51
CA ASN B 184 -13.00 22.56 13.85
C ASN B 184 -11.72 23.38 13.99
N PRO B 185 -11.61 24.20 15.05
CA PRO B 185 -10.35 24.92 15.27
C PRO B 185 -9.14 24.00 15.45
N GLY B 186 -9.35 22.75 15.86
CA GLY B 186 -8.22 21.85 16.06
C GLY B 186 -7.42 21.59 14.81
N ASN B 187 -8.09 21.54 13.64
CA ASN B 187 -7.38 21.29 12.39
C ASN B 187 -6.32 22.34 12.11
N PRO B 188 -6.64 23.64 12.01
CA PRO B 188 -5.55 24.63 11.84
C PRO B 188 -4.68 24.77 13.08
N LEU B 189 -5.27 24.65 14.27
CA LEU B 189 -4.51 24.88 15.50
C LEU B 189 -3.39 23.87 15.67
N ALA B 190 -3.56 22.65 15.16
CA ALA B 190 -2.51 21.64 15.28
C ALA B 190 -1.26 22.08 14.51
N HIS B 191 -1.45 22.56 13.28
CA HIS B 191 -0.32 23.08 12.52
C HIS B 191 0.17 24.41 13.06
N TYR B 192 -0.68 25.15 13.76
CA TYR B 192 -0.27 26.42 14.35
C TYR B 192 0.67 26.21 15.53
N ASP B 193 0.31 25.30 16.45
CA ASP B 193 1.07 25.12 17.67
C ASP B 193 2.32 24.28 17.47
N GLN B 194 2.31 23.39 16.47
CA GLN B 194 3.35 22.37 16.31
C GLN B 194 4.03 22.44 14.96
N THR B 195 3.34 22.16 13.85
CA THR B 195 3.98 22.08 12.54
C THR B 195 4.77 23.35 12.22
N ALA B 196 4.15 24.51 12.41
CA ALA B 196 4.82 25.76 12.09
C ALA B 196 6.01 26.03 13.02
N ILE B 197 5.87 25.69 14.30
CA ILE B 197 6.99 25.86 15.23
C ILE B 197 8.14 24.92 14.87
N GLU B 198 7.80 23.69 14.49
CA GLU B 198 8.83 22.73 14.06
C GLU B 198 9.57 23.25 12.84
N ILE B 199 8.83 23.71 11.83
CA ILE B 199 9.46 24.29 10.65
C ILE B 199 10.34 25.47 11.02
N TRP B 200 9.88 26.30 11.96
CA TRP B 200 10.64 27.48 12.36
C TRP B 200 11.94 27.10 13.03
N LYS B 201 11.91 26.14 13.95
CA LYS B 201 13.10 25.74 14.68
C LYS B 201 14.08 24.99 13.79
N GLN B 202 13.57 24.10 12.93
CA GLN B 202 14.43 23.35 12.04
C GLN B 202 15.12 24.26 11.01
N CYS B 203 14.39 25.28 10.54
CA CYS B 203 14.99 26.28 9.67
C CYS B 203 15.95 27.20 10.40
N GLU B 204 16.00 27.12 11.73
CA GLU B 204 16.81 28.02 12.55
C GLU B 204 16.40 29.47 12.33
N GLY B 205 15.10 29.69 12.13
CA GLY B 205 14.54 31.02 11.99
C GLY B 205 14.68 31.65 10.63
N LYS B 206 15.41 31.02 9.70
CA LYS B 206 15.57 31.55 8.36
C LYS B 206 14.64 30.78 7.43
N ILE B 207 13.58 31.44 6.98
CA ILE B 207 12.66 30.89 5.99
C ILE B 207 12.05 32.06 5.24
N ASP B 208 11.77 31.85 3.96
CA ASP B 208 11.32 32.93 3.08
C ASP B 208 9.96 32.62 2.49
N TYR B 209 9.84 31.55 1.71
CA TYR B 209 8.57 31.14 1.13
C TYR B 209 8.12 29.82 1.75
N LEU B 210 6.80 29.64 1.83
CA LEU B 210 6.21 28.38 2.26
C LEU B 210 5.13 27.99 1.26
N VAL B 211 5.20 26.75 0.77
CA VAL B 211 4.32 26.26 -0.27
C VAL B 211 3.60 25.03 0.25
N ALA B 212 2.26 25.07 0.23
CA ALA B 212 1.48 23.88 0.55
C ALA B 212 0.14 23.96 -0.18
N GLY B 213 -0.36 22.79 -0.58
CA GLY B 213 -1.70 22.70 -1.12
C GLY B 213 -2.74 22.57 -0.02
N ALA B 214 -3.93 23.09 -0.27
CA ALA B 214 -4.97 23.12 0.75
C ALA B 214 -6.20 22.37 0.25
N GLY B 215 -6.47 21.20 0.81
CA GLY B 215 -7.82 20.66 0.78
C GLY B 215 -8.77 21.42 1.68
N THR B 216 -8.47 21.42 2.98
CA THR B 216 -9.31 22.11 3.96
C THR B 216 -8.78 23.49 4.31
N GLY B 217 -7.62 23.87 3.77
CA GLY B 217 -6.97 25.10 4.15
C GLY B 217 -6.34 25.08 5.53
N GLY B 218 -6.53 24.02 6.31
CA GLY B 218 -6.08 24.04 7.70
C GLY B 218 -4.57 24.11 7.83
N THR B 219 -3.85 23.30 7.06
CA THR B 219 -2.39 23.32 7.10
C THR B 219 -1.86 24.69 6.74
N ILE B 220 -2.22 25.19 5.55
CA ILE B 220 -1.66 26.44 5.05
C ILE B 220 -2.11 27.62 5.91
N SER B 221 -3.29 27.53 6.54
CA SER B 221 -3.77 28.62 7.37
C SER B 221 -3.08 28.64 8.73
N GLY B 222 -2.89 27.47 9.35
CA GLY B 222 -2.19 27.44 10.62
C GLY B 222 -0.73 27.83 10.48
N ILE B 223 -0.01 27.17 9.58
CA ILE B 223 1.39 27.51 9.37
C ILE B 223 1.53 28.94 8.87
N GLY B 224 0.57 29.38 8.05
CA GLY B 224 0.60 30.76 7.57
C GLY B 224 0.42 31.77 8.70
N ARG B 225 -0.52 31.52 9.60
CA ARG B 225 -0.74 32.44 10.71
C ARG B 225 0.46 32.48 11.64
N LYS B 226 0.93 31.32 12.11
CA LYS B 226 2.06 31.31 13.03
C LYS B 226 3.31 31.91 12.39
N LEU B 227 3.62 31.47 11.16
CA LEU B 227 4.85 31.94 10.51
C LEU B 227 4.75 33.41 10.13
N LYS B 228 3.55 33.93 9.89
CA LYS B 228 3.42 35.35 9.66
C LYS B 228 3.46 36.16 10.96
N GLU B 229 3.22 35.51 12.10
CA GLU B 229 3.47 36.18 13.38
C GLU B 229 4.96 36.19 13.72
N LEU B 230 5.68 35.10 13.43
CA LEU B 230 7.09 35.01 13.77
C LEU B 230 7.97 35.76 12.78
N SER B 231 7.69 35.63 11.48
CA SER B 231 8.47 36.29 10.44
C SER B 231 7.51 36.99 9.49
N PRO B 232 7.12 38.22 9.79
CA PRO B 232 6.06 38.87 8.98
C PRO B 232 6.37 38.98 7.50
N ASN B 233 7.64 38.90 7.07
CA ASN B 233 7.95 39.04 5.65
C ASN B 233 7.77 37.76 4.86
N ILE B 234 7.42 36.65 5.52
CA ILE B 234 7.30 35.37 4.84
C ILE B 234 6.21 35.44 3.78
N LYS B 235 6.38 34.66 2.71
CA LYS B 235 5.40 34.53 1.64
C LYS B 235 4.75 33.16 1.74
N ILE B 236 3.44 33.14 1.99
CA ILE B 236 2.68 31.91 2.11
C ILE B 236 2.06 31.61 0.75
N ILE B 237 2.35 30.43 0.22
CA ILE B 237 1.90 30.02 -1.11
C ILE B 237 0.95 28.83 -0.94
N ALA B 238 -0.26 28.96 -1.47
CA ALA B 238 -1.26 27.90 -1.43
C ALA B 238 -1.41 27.31 -2.83
N VAL B 239 -1.45 25.98 -2.90
CA VAL B 239 -1.60 25.26 -4.16
C VAL B 239 -3.03 24.76 -4.25
N ASP B 240 -3.67 24.99 -5.40
CA ASP B 240 -5.04 24.57 -5.63
C ASP B 240 -5.09 23.79 -6.94
N PRO B 241 -5.86 22.70 -7.00
CA PRO B 241 -6.01 21.99 -8.26
C PRO B 241 -6.96 22.71 -9.21
N LYS B 242 -6.77 22.47 -10.51
CA LYS B 242 -7.71 22.96 -11.50
C LYS B 242 -9.05 22.25 -11.32
N GLY B 243 -10.12 23.04 -11.19
CA GLY B 243 -11.43 22.51 -10.88
C GLY B 243 -11.88 22.71 -9.45
N SER B 244 -11.14 23.50 -8.66
CA SER B 244 -11.51 23.82 -7.29
C SER B 244 -11.77 25.32 -7.17
N ILE B 245 -12.70 25.67 -6.29
CA ILE B 245 -13.11 27.07 -6.10
C ILE B 245 -12.35 27.76 -4.97
N LEU B 246 -11.39 27.07 -4.34
CA LEU B 246 -10.68 27.67 -3.20
C LEU B 246 -9.94 28.95 -3.61
N ASP B 247 -9.32 28.93 -4.78
CA ASP B 247 -8.66 30.13 -5.31
C ASP B 247 -9.67 31.27 -5.39
N PRO B 248 -9.35 32.45 -4.85
CA PRO B 248 -10.25 33.61 -5.04
C PRO B 248 -10.53 33.91 -6.50
N SER B 249 -9.63 33.53 -7.41
CA SER B 249 -9.88 33.59 -8.84
C SER B 249 -10.34 32.21 -9.31
N SER B 250 -11.61 32.09 -9.69
CA SER B 250 -12.14 30.81 -10.11
C SER B 250 -12.88 30.92 -11.44
N ASP B 251 -14.02 31.60 -11.46
CA ASP B 251 -14.81 31.78 -12.67
C ASP B 251 -15.41 33.17 -12.74
N GLU B 255 -15.54 26.32 -14.48
CA GLU B 255 -16.44 25.47 -13.70
C GLU B 255 -15.67 24.44 -12.88
N VAL B 256 -16.40 23.66 -12.10
CA VAL B 256 -15.80 22.61 -11.28
C VAL B 256 -15.56 21.38 -12.14
N GLY B 257 -14.32 20.91 -12.17
CA GLY B 257 -13.94 19.72 -12.89
C GLY B 257 -13.71 18.52 -11.97
N PHE B 258 -13.37 17.41 -12.61
CA PHE B 258 -12.96 16.20 -11.92
C PHE B 258 -11.44 16.01 -12.11
N TYR B 259 -10.74 15.79 -11.00
CA TYR B 259 -9.30 15.62 -11.02
C TYR B 259 -8.92 14.38 -10.22
N GLU B 260 -7.85 13.71 -10.68
CA GLU B 260 -7.39 12.47 -10.06
C GLU B 260 -6.65 12.72 -8.76
N VAL B 261 -5.98 13.87 -8.62
CA VAL B 261 -5.18 14.14 -7.44
C VAL B 261 -6.09 14.23 -6.21
N GLU B 262 -5.73 13.49 -5.17
CA GLU B 262 -6.55 13.38 -3.97
C GLU B 262 -5.99 14.25 -2.85
N GLY B 263 -6.90 14.84 -2.07
CA GLY B 263 -6.55 15.53 -0.85
C GLY B 263 -6.62 17.04 -0.91
N ILE B 264 -6.59 17.63 -2.11
CA ILE B 264 -6.62 19.08 -2.25
C ILE B 264 -7.86 19.49 -3.04
N GLY B 265 -8.48 20.58 -2.63
CA GLY B 265 -9.59 21.17 -3.35
C GLY B 265 -10.94 20.72 -2.82
N TYR B 266 -11.92 21.63 -2.92
CA TYR B 266 -13.30 21.36 -2.58
C TYR B 266 -14.21 22.24 -3.42
N ASP B 267 -15.49 21.88 -3.44
CA ASP B 267 -16.50 22.68 -4.12
C ASP B 267 -17.12 23.73 -3.21
N PHE B 268 -16.64 23.84 -1.98
CA PHE B 268 -17.02 24.89 -1.05
C PHE B 268 -15.76 25.47 -0.42
N ILE B 269 -15.93 26.47 0.43
CA ILE B 269 -14.82 27.14 1.09
C ILE B 269 -14.90 26.83 2.58
N PRO B 270 -13.97 26.04 3.13
CA PRO B 270 -14.08 25.62 4.52
C PRO B 270 -13.95 26.79 5.49
N THR B 271 -14.41 26.55 6.72
CA THR B 271 -14.35 27.58 7.75
C THR B 271 -12.93 27.77 8.25
N VAL B 272 -12.15 26.69 8.34
CA VAL B 272 -10.78 26.77 8.84
C VAL B 272 -9.82 27.39 7.84
N LEU B 273 -10.22 27.55 6.59
CA LEU B 273 -9.37 28.20 5.59
C LEU B 273 -9.46 29.72 5.78
N ASP B 274 -8.32 30.33 6.06
CA ASP B 274 -8.21 31.78 6.14
C ASP B 274 -7.35 32.22 4.95
N ARG B 275 -7.98 32.90 4.00
CA ARG B 275 -7.31 33.35 2.79
C ARG B 275 -6.62 34.69 2.97
N ASN B 276 -6.76 35.32 4.15
CA ASN B 276 -6.06 36.56 4.41
C ASN B 276 -4.57 36.34 4.59
N VAL B 277 -4.16 35.16 5.06
CA VAL B 277 -2.75 34.85 5.21
C VAL B 277 -2.12 34.28 3.95
N ILE B 278 -2.90 34.01 2.91
CA ILE B 278 -2.38 33.44 1.68
C ILE B 278 -1.87 34.57 0.80
N ASP B 279 -0.59 34.52 0.45
CA ASP B 279 0.00 35.55 -0.41
C ASP B 279 -0.31 35.32 -1.88
N LYS B 280 -0.23 34.08 -2.35
CA LYS B 280 -0.48 33.78 -3.76
C LYS B 280 -1.01 32.35 -3.90
N TRP B 281 -1.85 32.15 -4.90
CA TRP B 281 -2.41 30.85 -5.24
C TRP B 281 -1.84 30.34 -6.56
N ILE B 282 -1.55 29.05 -6.61
CA ILE B 282 -1.03 28.40 -7.82
C ILE B 282 -2.00 27.30 -8.21
N LYS B 283 -2.29 27.19 -9.50
CA LYS B 283 -3.17 26.16 -10.04
C LYS B 283 -2.33 25.08 -10.71
N THR B 284 -2.61 23.82 -10.38
CA THR B 284 -1.86 22.69 -10.90
C THR B 284 -2.82 21.67 -11.50
N GLU B 285 -2.35 20.96 -12.52
CA GLU B 285 -3.12 19.92 -13.18
C GLU B 285 -2.66 18.55 -12.71
N ASP B 286 -3.32 17.50 -13.22
CA ASP B 286 -3.02 16.15 -12.77
C ASP B 286 -1.71 15.64 -13.34
N ASN B 287 -1.44 15.96 -14.61
CA ASN B 287 -0.24 15.42 -15.28
C ASN B 287 1.03 15.88 -14.57
N GLU B 288 1.21 17.21 -14.46
CA GLU B 288 2.40 17.76 -13.84
C GLU B 288 2.51 17.35 -12.38
N SER B 289 1.38 17.31 -11.67
CA SER B 289 1.41 16.96 -10.25
C SER B 289 1.85 15.51 -10.04
N LEU B 290 1.17 14.57 -10.70
CA LEU B 290 1.47 13.17 -10.48
C LEU B 290 2.86 12.80 -10.97
N ASN B 291 3.24 13.29 -12.17
CA ASN B 291 4.60 13.01 -12.63
C ASN B 291 5.64 13.68 -11.74
N ALA B 292 5.28 14.82 -11.11
CA ALA B 292 6.19 15.44 -10.17
C ALA B 292 6.34 14.59 -8.90
N ALA B 293 5.25 13.98 -8.44
CA ALA B 293 5.36 13.07 -7.31
C ALA B 293 6.25 11.88 -7.65
N ARG B 294 6.08 11.32 -8.85
CA ARG B 294 6.99 10.27 -9.30
C ARG B 294 8.43 10.76 -9.33
N MET B 295 8.63 12.05 -9.66
CA MET B 295 9.97 12.60 -9.67
C MET B 295 10.54 12.71 -8.26
N LEU B 296 9.69 13.08 -7.28
CA LEU B 296 10.13 13.09 -5.89
C LEU B 296 10.59 11.70 -5.46
N ILE B 297 9.77 10.68 -5.74
CA ILE B 297 10.12 9.32 -5.35
C ILE B 297 11.42 8.89 -6.01
N ARG B 298 11.52 9.09 -7.32
CA ARG B 298 12.65 8.55 -8.08
C ARG B 298 13.94 9.29 -7.74
N GLN B 299 13.95 10.61 -7.88
CA GLN B 299 15.18 11.37 -7.73
C GLN B 299 15.53 11.63 -6.26
N GLU B 300 14.53 11.93 -5.42
CA GLU B 300 14.80 12.26 -4.03
C GLU B 300 14.66 11.10 -3.06
N GLY B 301 14.24 9.92 -3.53
CA GLY B 301 14.02 8.81 -2.62
C GLY B 301 12.98 9.07 -1.55
N LEU B 302 12.07 10.01 -1.78
CA LEU B 302 11.00 10.32 -0.85
C LEU B 302 9.72 9.67 -1.33
N LEU B 303 9.12 8.81 -0.49
CA LEU B 303 7.91 8.09 -0.87
C LEU B 303 6.72 8.91 -0.42
N CYS B 304 6.00 9.48 -1.38
CA CYS B 304 4.95 10.46 -1.09
C CYS B 304 3.82 10.32 -2.10
N GLY B 305 2.68 10.93 -1.77
CA GLY B 305 1.52 10.94 -2.64
C GLY B 305 1.58 12.04 -3.69
N GLY B 306 0.46 12.17 -4.41
CA GLY B 306 0.34 13.10 -5.53
C GLY B 306 0.27 14.56 -5.14
N SER B 307 -0.48 14.88 -4.07
CA SER B 307 -0.53 16.25 -3.57
C SER B 307 0.87 16.79 -3.32
N SER B 308 1.79 15.94 -2.86
CA SER B 308 3.19 16.32 -2.74
C SER B 308 3.73 16.83 -4.07
N GLY B 309 3.46 16.08 -5.15
CA GLY B 309 3.91 16.52 -6.46
C GLY B 309 3.28 17.82 -6.91
N ALA B 310 2.02 18.05 -6.55
CA ALA B 310 1.41 19.35 -6.83
C ALA B 310 2.15 20.47 -6.13
N ALA B 311 2.44 20.30 -4.83
CA ALA B 311 3.22 21.28 -4.10
C ALA B 311 4.58 21.51 -4.75
N LEU B 312 5.23 20.44 -5.19
CA LEU B 312 6.54 20.57 -5.82
C LEU B 312 6.44 21.38 -7.11
N ILE B 313 5.41 21.12 -7.93
CA ILE B 313 5.28 21.88 -9.18
C ILE B 313 5.05 23.35 -8.89
N ALA B 314 4.21 23.66 -7.91
CA ALA B 314 4.02 25.06 -7.54
C ALA B 314 5.34 25.70 -7.11
N ALA B 315 6.10 24.99 -6.28
CA ALA B 315 7.35 25.53 -5.76
C ALA B 315 8.36 25.76 -6.89
N LEU B 316 8.46 24.82 -7.83
CA LEU B 316 9.39 24.99 -8.94
C LEU B 316 8.95 26.12 -9.87
N LYS B 317 7.64 26.26 -10.08
CA LYS B 317 7.14 27.36 -10.90
C LYS B 317 7.46 28.70 -10.27
N ILE B 318 7.39 28.79 -8.94
CA ILE B 318 7.70 30.06 -8.29
C ILE B 318 9.21 30.31 -8.20
N ALA B 319 10.01 29.24 -8.03
CA ALA B 319 11.43 29.38 -7.70
C ALA B 319 12.28 29.89 -8.85
N LYS B 320 11.71 30.04 -10.06
CA LYS B 320 12.49 30.53 -11.19
C LYS B 320 13.03 31.94 -10.92
N ASP B 321 12.22 32.78 -10.26
CA ASP B 321 12.60 34.18 -10.04
C ASP B 321 13.47 34.38 -8.80
N ILE B 322 13.55 33.40 -7.92
CA ILE B 322 14.06 33.59 -6.57
C ILE B 322 15.58 33.67 -6.57
N PRO B 323 16.18 34.62 -5.83
CA PRO B 323 17.64 34.63 -5.66
C PRO B 323 18.12 33.44 -4.84
N GLU B 324 19.43 33.22 -4.89
CA GLU B 324 20.02 32.00 -4.35
C GLU B 324 19.86 31.92 -2.83
N GLU B 325 20.01 33.05 -2.13
CA GLU B 325 20.11 33.00 -0.67
C GLU B 325 18.79 32.66 0.00
N LYS B 326 17.67 32.68 -0.71
CA LYS B 326 16.38 32.42 -0.09
C LYS B 326 16.19 30.93 0.19
N ARG B 327 15.34 30.65 1.15
CA ARG B 327 14.98 29.28 1.53
C ARG B 327 13.49 29.08 1.29
N MET B 328 13.13 27.98 0.63
CA MET B 328 11.75 27.65 0.37
C MET B 328 11.41 26.32 1.03
N VAL B 329 10.21 26.22 1.60
CA VAL B 329 9.78 25.02 2.32
C VAL B 329 8.42 24.59 1.78
N ILE B 330 8.31 23.32 1.38
CA ILE B 330 7.08 22.75 0.87
C ILE B 330 6.66 21.60 1.77
N ILE B 331 5.37 21.30 1.76
CA ILE B 331 4.79 20.28 2.64
C ILE B 331 4.44 19.06 1.82
N LEU B 332 4.88 17.88 2.28
CA LEU B 332 4.51 16.64 1.62
C LEU B 332 3.46 15.92 2.48
N PRO B 333 2.19 15.91 2.07
CA PRO B 333 1.12 15.49 3.00
C PRO B 333 1.09 14.02 3.35
N ASP B 334 1.37 13.11 2.41
CA ASP B 334 1.17 11.69 2.69
C ASP B 334 2.08 10.86 1.80
N GLY B 335 2.02 9.53 1.99
CA GLY B 335 2.93 8.61 1.35
C GLY B 335 2.30 7.82 0.21
N ILE B 336 3.12 6.94 -0.37
CA ILE B 336 2.70 6.18 -1.55
C ILE B 336 1.73 5.05 -1.22
N ARG B 337 1.56 4.72 0.06
CA ARG B 337 0.80 3.53 0.43
C ARG B 337 -0.60 3.53 -0.19
N ASN B 338 -1.30 4.65 -0.12
CA ASN B 338 -2.66 4.69 -0.65
C ASN B 338 -2.69 4.68 -2.17
N TYR B 339 -1.63 5.14 -2.82
CA TYR B 339 -1.59 5.33 -4.26
C TYR B 339 -0.94 4.19 -5.03
N LEU B 340 -0.57 3.10 -4.36
CA LEU B 340 0.23 2.05 -5.00
C LEU B 340 -0.35 1.56 -6.31
N THR B 341 -1.67 1.53 -6.43
CA THR B 341 -2.30 1.13 -7.68
C THR B 341 -2.68 2.30 -8.58
N LYS B 342 -2.36 3.55 -8.21
CA LYS B 342 -2.80 4.61 -9.09
C LYS B 342 -1.67 5.40 -9.73
N PHE B 343 -1.06 6.36 -9.03
CA PHE B 343 -0.03 7.13 -9.72
C PHE B 343 1.32 6.46 -9.66
N VAL B 344 1.51 5.51 -8.74
CA VAL B 344 2.75 4.76 -8.66
C VAL B 344 2.81 3.73 -9.78
N SER B 345 1.66 3.16 -10.15
CA SER B 345 1.61 2.17 -11.21
C SER B 345 1.80 2.84 -12.57
N GLU B 346 2.70 2.30 -13.39
CA GLU B 346 2.87 2.81 -14.74
C GLU B 346 1.63 2.52 -15.60
N TYR B 347 0.97 1.39 -15.36
CA TYR B 347 -0.25 1.07 -16.11
C TYR B 347 -1.31 2.14 -15.91
N TRP B 348 -1.54 2.52 -14.65
CA TRP B 348 -2.59 3.50 -14.35
C TRP B 348 -2.25 4.85 -14.95
N MET B 349 -0.98 5.25 -14.91
CA MET B 349 -0.57 6.52 -15.51
C MET B 349 -0.72 6.48 -17.03
N GLU B 350 -0.45 5.33 -17.65
CA GLU B 350 -0.61 5.23 -19.10
C GLU B 350 -2.08 5.18 -19.52
N THR B 351 -2.95 4.66 -18.64
CA THR B 351 -4.38 4.67 -18.93
C THR B 351 -4.92 6.10 -18.91
N ARG B 352 -4.46 6.91 -17.96
CA ARG B 352 -4.93 8.29 -17.83
C ARG B 352 -4.32 9.23 -18.86
N GLY B 353 -3.36 8.77 -19.66
CA GLY B 353 -2.67 9.61 -20.60
C GLY B 353 -1.53 10.41 -20.03
N PHE B 354 -1.19 10.21 -18.75
CA PHE B 354 -0.10 10.96 -18.13
C PHE B 354 1.26 10.44 -18.55
N LEU B 355 1.37 9.15 -18.85
CA LEU B 355 2.59 8.55 -19.37
C LEU B 355 2.33 8.01 -20.76
N GLN B 356 3.38 7.95 -21.55
CA GLN B 356 3.20 7.47 -22.92
C GLN B 356 3.57 6.00 -23.01
N PRO B 357 2.67 5.15 -23.51
CA PRO B 357 3.02 3.73 -23.67
C PRO B 357 4.18 3.55 -24.64
N VAL B 358 5.18 2.80 -24.21
CA VAL B 358 6.38 2.53 -25.00
C VAL B 358 6.23 1.17 -25.65
N CYS B 359 6.74 1.04 -26.87
CA CYS B 359 6.65 -0.21 -27.60
C CYS B 359 7.87 -1.05 -27.25
N GLN B 360 7.65 -2.18 -26.58
CA GLN B 360 8.75 -2.98 -26.07
C GLN B 360 9.40 -3.81 -27.17
N ASN B 361 8.59 -4.48 -27.97
CA ASN B 361 9.08 -5.39 -29.01
C ASN B 361 8.88 -4.74 -30.36
N GLU B 362 9.94 -4.72 -31.17
CA GLU B 362 9.85 -4.07 -32.47
C GLU B 362 8.99 -4.87 -33.46
N MET B 363 8.79 -6.17 -33.20
CA MET B 363 7.84 -6.94 -34.01
C MET B 363 6.47 -6.30 -34.03
N ASN B 364 6.10 -5.61 -32.94
CA ASN B 364 4.81 -4.96 -32.82
C ASN B 364 4.78 -3.56 -33.42
N LYS B 365 5.90 -3.10 -34.02
CA LYS B 365 5.95 -1.74 -34.55
C LYS B 365 4.94 -1.49 -35.65
N TRP B 366 4.43 -2.54 -36.31
CA TRP B 366 3.49 -2.32 -37.40
C TRP B 366 2.08 -2.01 -36.90
N TRP B 367 1.61 -2.73 -35.87
CA TRP B 367 0.25 -2.55 -35.38
C TRP B 367 0.16 -1.62 -34.18
N TRP B 368 1.28 -1.08 -33.70
CA TRP B 368 1.28 -0.33 -32.45
C TRP B 368 0.49 0.96 -32.58
N ASN B 369 0.71 1.72 -33.63
CA ASN B 369 0.09 3.03 -33.82
C ASN B 369 -1.19 2.98 -34.65
N MET B 370 -1.62 1.79 -35.07
CA MET B 370 -2.86 1.68 -35.80
C MET B 370 -4.06 1.89 -34.88
N LYS B 371 -5.11 2.50 -35.43
CA LYS B 371 -6.29 2.83 -34.65
C LYS B 371 -7.12 1.57 -34.36
N ILE B 372 -7.97 1.68 -33.34
CA ILE B 372 -8.99 0.67 -33.11
C ILE B 372 -9.94 0.57 -34.31
N SER B 373 -9.98 1.61 -35.15
CA SER B 373 -10.86 1.61 -36.31
C SER B 373 -10.57 0.44 -37.24
N ASN B 374 -9.29 0.10 -37.41
CA ASN B 374 -8.92 -1.03 -38.26
C ASN B 374 -9.44 -2.36 -37.73
N LEU B 375 -9.67 -2.47 -36.43
CA LEU B 375 -10.30 -3.65 -35.87
C LEU B 375 -11.79 -3.69 -36.23
N SER B 376 -12.34 -4.89 -36.23
CA SER B 376 -13.77 -5.09 -36.45
C SER B 376 -14.30 -6.02 -35.38
N PHE B 377 -15.41 -5.65 -34.78
CA PHE B 377 -15.94 -6.36 -33.62
C PHE B 377 -17.45 -6.12 -33.55
N ASP B 378 -18.12 -6.98 -32.79
CA ASP B 378 -19.58 -6.91 -32.71
C ASP B 378 -20.03 -5.61 -32.04
N LYS B 379 -21.06 -5.01 -32.62
CA LYS B 379 -21.80 -3.94 -31.96
C LYS B 379 -23.00 -4.59 -31.26
N GLN B 380 -22.97 -4.58 -29.93
CA GLN B 380 -24.03 -5.24 -29.17
C GLN B 380 -25.23 -4.32 -29.06
N SER B 381 -26.42 -4.87 -29.31
CA SER B 381 -27.64 -4.09 -29.17
C SER B 381 -27.84 -3.69 -27.72
N LEU B 382 -28.17 -2.42 -27.51
CA LEU B 382 -28.21 -1.82 -26.19
C LEU B 382 -29.55 -2.09 -25.52
N LEU B 383 -29.51 -2.55 -24.28
CA LEU B 383 -30.72 -2.78 -23.51
C LEU B 383 -31.31 -1.45 -23.05
N LYS B 384 -32.60 -1.49 -22.72
CA LYS B 384 -33.34 -0.33 -22.25
C LYS B 384 -33.73 -0.53 -20.80
N GLU B 385 -33.91 0.58 -20.08
CA GLU B 385 -34.08 0.51 -18.63
C GLU B 385 -35.28 -0.34 -18.24
N ASN B 386 -35.03 -1.33 -17.39
CA ASN B 386 -36.05 -2.24 -16.85
C ASN B 386 -36.84 -2.95 -17.96
N THR B 387 -36.20 -3.18 -19.11
CA THR B 387 -36.75 -4.11 -20.08
C THR B 387 -36.44 -5.56 -19.73
N VAL B 388 -35.36 -5.80 -19.00
CA VAL B 388 -34.87 -7.14 -18.71
C VAL B 388 -34.80 -7.34 -17.21
N THR B 389 -35.33 -8.47 -16.73
CA THR B 389 -35.27 -8.82 -15.32
C THR B 389 -33.98 -9.58 -15.04
N CYS B 390 -33.84 -10.10 -13.82
CA CYS B 390 -32.56 -10.65 -13.39
C CYS B 390 -32.31 -12.05 -13.93
N GLN B 391 -33.32 -12.92 -13.94
CA GLN B 391 -33.10 -14.27 -14.45
C GLN B 391 -32.69 -14.25 -15.91
N GLU B 392 -33.27 -13.36 -16.70
CA GLU B 392 -32.92 -13.28 -18.11
C GLU B 392 -31.50 -12.75 -18.30
N ALA B 393 -31.03 -11.90 -17.38
CA ALA B 393 -29.68 -11.35 -17.51
C ALA B 393 -28.61 -12.40 -17.23
N MET B 394 -28.94 -13.42 -16.43
CA MET B 394 -28.00 -14.52 -16.25
C MET B 394 -27.74 -15.24 -17.56
N HIS B 395 -28.81 -15.61 -18.26
CA HIS B 395 -28.66 -16.28 -19.54
C HIS B 395 -28.05 -15.35 -20.59
N MET B 396 -28.37 -14.06 -20.52
CA MET B 396 -27.77 -13.10 -21.44
C MET B 396 -26.26 -13.00 -21.23
N LEU B 397 -25.83 -13.01 -19.97
CA LEU B 397 -24.40 -12.97 -19.67
C LEU B 397 -23.70 -14.26 -20.09
N LYS B 398 -24.36 -15.41 -19.89
CA LYS B 398 -23.78 -16.67 -20.34
C LYS B 398 -23.63 -16.69 -21.86
N ASN B 399 -24.65 -16.26 -22.58
CA ASN B 399 -24.63 -16.28 -24.04
C ASN B 399 -23.92 -15.07 -24.65
N ALA B 400 -23.54 -14.09 -23.84
CA ALA B 400 -22.89 -12.89 -24.36
C ALA B 400 -21.50 -13.23 -24.90
N ASP B 401 -21.10 -12.48 -25.92
CA ASP B 401 -19.76 -12.67 -26.49
C ASP B 401 -18.69 -12.21 -25.51
N SER B 402 -18.83 -11.00 -24.98
CA SER B 402 -17.87 -10.42 -24.04
C SER B 402 -18.25 -10.64 -22.59
N GLN B 403 -19.37 -11.31 -22.32
CA GLN B 403 -19.95 -11.44 -20.98
C GLN B 403 -20.04 -10.09 -20.29
N LEU B 404 -20.82 -9.21 -20.90
CA LEU B 404 -21.19 -7.93 -20.30
C LEU B 404 -22.49 -7.48 -20.95
N LEU B 405 -23.26 -6.67 -20.23
CA LEU B 405 -24.47 -6.08 -20.77
C LEU B 405 -24.37 -4.57 -20.74
N VAL B 406 -25.12 -3.92 -21.62
CA VAL B 406 -25.07 -2.47 -21.80
C VAL B 406 -26.46 -1.90 -21.58
N ILE B 407 -26.55 -0.85 -20.77
CA ILE B 407 -27.80 -0.19 -20.42
C ILE B 407 -27.79 1.21 -21.00
N SER B 408 -28.79 1.53 -21.83
CA SER B 408 -28.96 2.86 -22.38
C SER B 408 -30.43 3.19 -22.48
N ASP B 409 -30.82 4.39 -22.05
CA ASP B 409 -32.16 4.87 -22.34
C ASP B 409 -32.26 5.63 -23.65
N ASP B 410 -31.15 6.05 -24.23
CA ASP B 410 -31.15 6.86 -25.44
C ASP B 410 -30.94 6.07 -26.73
N ASN B 411 -30.71 4.76 -26.64
CA ASN B 411 -30.43 3.87 -27.77
C ASN B 411 -29.10 4.18 -28.45
N ILE B 412 -28.39 5.23 -28.05
CA ILE B 412 -27.11 5.59 -28.67
C ILE B 412 -26.00 5.55 -27.62
N HIS B 413 -26.04 6.48 -26.68
CA HIS B 413 -25.01 6.59 -25.66
C HIS B 413 -25.21 5.53 -24.58
N ILE B 414 -24.10 5.08 -24.00
CA ILE B 414 -24.12 4.00 -23.02
C ILE B 414 -24.25 4.59 -21.62
N LYS B 415 -25.37 4.30 -20.95
CA LYS B 415 -25.60 4.81 -19.60
C LYS B 415 -24.88 3.99 -18.54
N GLY B 416 -24.90 2.67 -18.66
CA GLY B 416 -24.30 1.83 -17.65
C GLY B 416 -23.97 0.45 -18.20
N VAL B 417 -23.40 -0.39 -17.33
CA VAL B 417 -23.00 -1.73 -17.70
C VAL B 417 -23.51 -2.72 -16.66
N ILE B 418 -23.58 -3.99 -17.07
CA ILE B 418 -24.00 -5.09 -16.22
C ILE B 418 -22.93 -6.17 -16.27
N SER B 419 -22.31 -6.45 -15.13
CA SER B 419 -21.27 -7.46 -15.00
C SER B 419 -21.77 -8.62 -14.15
N LEU B 420 -21.24 -9.81 -14.43
CA LEU B 420 -21.62 -11.00 -13.67
C LEU B 420 -21.23 -10.87 -12.20
N ASN B 421 -20.07 -10.26 -11.92
CA ASN B 421 -19.60 -10.13 -10.55
C ASN B 421 -20.57 -9.27 -9.73
N LYS B 422 -20.93 -8.09 -10.26
CA LYS B 422 -21.85 -7.21 -9.54
C LYS B 422 -23.21 -7.87 -9.35
N LEU B 423 -23.71 -8.52 -10.40
CA LEU B 423 -25.01 -9.18 -10.32
C LEU B 423 -25.00 -10.25 -9.23
N THR B 424 -23.96 -11.08 -9.20
CA THR B 424 -23.89 -12.12 -8.17
C THR B 424 -23.77 -11.50 -6.78
N SER B 425 -22.98 -10.42 -6.66
CA SER B 425 -22.82 -9.75 -5.37
C SER B 425 -24.15 -9.26 -4.84
N TYR B 426 -24.94 -8.59 -5.69
CA TYR B 426 -26.20 -8.03 -5.22
C TYR B 426 -27.27 -9.10 -5.03
N VAL B 427 -27.23 -10.18 -5.80
CA VAL B 427 -28.19 -11.26 -5.60
C VAL B 427 -27.89 -11.99 -4.30
N ILE B 428 -26.62 -12.12 -3.93
CA ILE B 428 -26.26 -12.78 -2.68
C ILE B 428 -26.56 -11.87 -1.49
N SER B 429 -26.18 -10.59 -1.59
CA SER B 429 -26.35 -9.67 -0.48
C SER B 429 -27.80 -9.35 -0.17
N GLY B 430 -28.72 -9.64 -1.09
CA GLY B 430 -30.13 -9.40 -0.89
C GLY B 430 -30.65 -8.11 -1.49
N ILE B 431 -29.76 -7.24 -1.99
CA ILE B 431 -30.20 -5.98 -2.58
C ILE B 431 -31.13 -6.24 -3.76
N VAL B 432 -30.86 -7.31 -4.52
CA VAL B 432 -31.66 -7.68 -5.68
C VAL B 432 -32.04 -9.14 -5.57
N LYS B 433 -33.23 -9.48 -6.07
CA LYS B 433 -33.71 -10.84 -6.15
C LYS B 433 -33.91 -11.21 -7.62
N CYS B 434 -34.31 -12.46 -7.87
CA CYS B 434 -34.41 -12.96 -9.24
C CYS B 434 -35.53 -12.29 -10.01
N THR B 435 -36.56 -11.81 -9.32
CA THR B 435 -37.71 -11.20 -9.99
C THR B 435 -37.61 -9.69 -10.11
N ASP B 436 -36.53 -9.09 -9.59
CA ASP B 436 -36.35 -7.65 -9.72
C ASP B 436 -35.71 -7.31 -11.06
N PHE B 437 -35.40 -6.03 -11.26
CA PHE B 437 -34.80 -5.55 -12.49
C PHE B 437 -33.31 -5.34 -12.32
N VAL B 438 -32.54 -5.64 -13.37
CA VAL B 438 -31.08 -5.62 -13.29
C VAL B 438 -30.50 -4.22 -13.19
N ASP B 439 -31.31 -3.18 -13.41
CA ASP B 439 -30.79 -1.82 -13.37
C ASP B 439 -30.29 -1.44 -11.97
N LYS B 440 -30.68 -2.19 -10.94
CA LYS B 440 -30.14 -1.93 -9.61
C LYS B 440 -28.69 -2.40 -9.49
N ALA B 441 -28.32 -3.43 -10.23
CA ALA B 441 -26.95 -3.93 -10.27
C ALA B 441 -26.08 -3.18 -11.27
N MET B 442 -26.65 -2.19 -11.96
CA MET B 442 -25.92 -1.43 -12.96
C MET B 442 -24.66 -0.80 -12.37
N VAL B 443 -23.56 -0.89 -13.12
CA VAL B 443 -22.30 -0.25 -12.74
C VAL B 443 -22.13 0.95 -13.67
N LYS B 444 -22.27 2.15 -13.12
CA LYS B 444 -22.18 3.36 -13.93
C LYS B 444 -20.76 3.82 -14.17
N GLN B 445 -19.79 3.31 -13.41
CA GLN B 445 -18.38 3.52 -13.70
C GLN B 445 -17.86 2.33 -14.49
N TYR B 446 -16.98 2.61 -15.45
CA TYR B 446 -16.51 1.61 -16.41
C TYR B 446 -15.47 2.28 -17.30
N VAL B 447 -14.75 1.46 -18.05
CA VAL B 447 -13.64 1.92 -18.87
C VAL B 447 -14.13 2.12 -20.29
N LYS B 448 -13.79 3.27 -20.87
CA LYS B 448 -14.21 3.64 -22.21
C LYS B 448 -13.04 4.29 -22.94
N VAL B 449 -12.95 4.04 -24.24
CA VAL B 449 -11.83 4.50 -25.05
C VAL B 449 -12.35 5.06 -26.35
N LYS B 450 -11.75 6.16 -26.80
CA LYS B 450 -12.08 6.74 -28.09
C LYS B 450 -11.75 5.76 -29.21
N HIS B 451 -12.61 5.73 -30.23
CA HIS B 451 -12.41 4.82 -31.36
C HIS B 451 -11.09 5.08 -32.09
N SER B 452 -10.55 6.29 -31.98
CA SER B 452 -9.33 6.67 -32.67
C SER B 452 -8.06 6.31 -31.91
N ALA B 453 -8.18 5.73 -30.72
CA ALA B 453 -6.99 5.41 -29.94
C ALA B 453 -6.19 4.30 -30.60
N THR B 454 -4.89 4.27 -30.29
CA THR B 454 -3.99 3.30 -30.89
C THR B 454 -4.22 1.91 -30.30
N LEU B 455 -3.79 0.89 -31.05
CA LEU B 455 -3.91 -0.48 -30.57
C LEU B 455 -2.95 -0.77 -29.44
N GLY B 456 -1.82 -0.05 -29.37
CA GLY B 456 -0.93 -0.21 -28.23
C GLY B 456 -1.56 0.28 -26.94
N TYR B 457 -2.31 1.38 -27.01
CA TYR B 457 -3.04 1.87 -25.85
C TYR B 457 -4.01 0.82 -25.34
N ILE B 458 -4.82 0.25 -26.24
CA ILE B 458 -5.82 -0.74 -25.84
C ILE B 458 -5.13 -2.00 -25.30
N SER B 459 -4.11 -2.48 -26.02
CA SER B 459 -3.39 -3.65 -25.56
C SER B 459 -2.80 -3.43 -24.17
N ARG B 460 -2.42 -2.19 -23.86
CA ARG B 460 -1.94 -1.90 -22.51
C ARG B 460 -3.08 -1.89 -21.51
N VAL B 461 -4.24 -1.34 -21.89
CA VAL B 461 -5.37 -1.23 -20.97
C VAL B 461 -5.93 -2.61 -20.64
N LEU B 462 -5.96 -3.51 -21.61
CA LEU B 462 -6.58 -4.82 -21.43
C LEU B 462 -5.82 -5.72 -20.46
N GLU B 463 -4.58 -5.36 -20.08
CA GLU B 463 -3.84 -6.14 -19.12
C GLU B 463 -4.51 -6.14 -17.74
N LYS B 464 -5.36 -5.16 -17.46
CA LYS B 464 -6.17 -5.14 -16.25
C LYS B 464 -7.65 -5.35 -16.57
N GLU B 465 -8.26 -4.43 -17.32
CA GLU B 465 -9.67 -4.54 -17.65
C GLU B 465 -9.89 -5.61 -18.71
N PRO B 466 -10.72 -6.62 -18.44
CA PRO B 466 -10.98 -7.64 -19.47
C PRO B 466 -11.78 -7.12 -20.64
N TYR B 467 -12.61 -6.11 -20.43
CA TYR B 467 -13.40 -5.49 -21.49
C TYR B 467 -13.09 -4.00 -21.55
N VAL B 468 -13.32 -3.43 -22.73
CA VAL B 468 -13.19 -2.00 -22.95
C VAL B 468 -14.35 -1.54 -23.82
N ILE B 469 -15.07 -0.52 -23.37
CA ILE B 469 -16.16 0.04 -24.13
C ILE B 469 -15.59 1.03 -25.15
N ILE B 470 -15.90 0.82 -26.42
CA ILE B 470 -15.43 1.69 -27.49
C ILE B 470 -16.50 2.73 -27.76
N LEU B 471 -16.12 4.00 -27.66
CA LEU B 471 -17.00 5.11 -27.97
C LEU B 471 -16.45 5.84 -29.19
N ASP B 472 -17.35 6.48 -29.94
CA ASP B 472 -16.98 7.13 -31.19
C ASP B 472 -16.85 8.63 -30.94
N ASP B 473 -15.61 9.12 -30.95
CA ASP B 473 -15.38 10.53 -30.70
C ASP B 473 -15.95 11.40 -31.81
N GLU B 474 -16.05 10.87 -33.03
CA GLU B 474 -16.50 11.67 -34.14
C GLU B 474 -17.98 12.00 -34.02
N HIS B 475 -18.81 11.03 -33.65
CA HIS B 475 -20.21 11.29 -33.40
C HIS B 475 -20.48 11.08 -31.91
N ASP B 476 -20.60 12.19 -31.17
CA ASP B 476 -21.20 12.31 -29.84
C ASP B 476 -20.87 11.16 -28.89
N ASP B 477 -19.62 10.66 -28.92
CA ASP B 477 -19.21 9.50 -28.10
C ASP B 477 -20.22 8.36 -28.19
N ALA B 478 -20.71 8.09 -29.39
CA ALA B 478 -21.69 7.03 -29.60
C ALA B 478 -21.07 5.66 -29.31
N PHE B 479 -21.93 4.74 -28.87
CA PHE B 479 -21.47 3.39 -28.55
C PHE B 479 -21.18 2.61 -29.83
N ILE B 480 -20.01 1.99 -29.87
CA ILE B 480 -19.60 1.15 -31.00
C ILE B 480 -19.63 -0.33 -30.63
N GLY B 481 -18.79 -0.74 -29.68
CA GLY B 481 -18.80 -2.13 -29.25
C GLY B 481 -17.88 -2.36 -28.08
N ILE B 482 -17.75 -3.63 -27.71
CA ILE B 482 -16.87 -4.04 -26.62
C ILE B 482 -15.64 -4.71 -27.23
N VAL B 483 -14.47 -4.41 -26.67
CA VAL B 483 -13.20 -4.95 -27.14
C VAL B 483 -12.53 -5.68 -26.00
N ASN B 484 -12.07 -6.90 -26.26
CA ASN B 484 -11.32 -7.70 -25.30
C ASN B 484 -10.01 -8.13 -25.96
N GLN B 485 -9.23 -8.93 -25.23
CA GLN B 485 -7.96 -9.41 -25.76
C GLN B 485 -8.14 -10.38 -26.92
N PHE B 486 -9.34 -10.92 -27.14
CA PHE B 486 -9.59 -11.77 -28.30
C PHE B 486 -9.42 -10.99 -29.60
N HIS B 487 -9.98 -9.78 -29.67
CA HIS B 487 -9.84 -8.97 -30.87
C HIS B 487 -8.39 -8.56 -31.11
N ILE B 488 -7.63 -8.35 -30.03
CA ILE B 488 -6.23 -7.98 -30.17
C ILE B 488 -5.41 -9.15 -30.68
N LEU B 489 -5.61 -10.34 -30.09
CA LEU B 489 -4.91 -11.52 -30.59
C LEU B 489 -5.27 -11.83 -32.03
N GLN B 490 -6.56 -11.73 -32.36
CA GLN B 490 -7.02 -12.03 -33.71
C GLN B 490 -6.56 -10.98 -34.71
N PHE B 491 -6.31 -9.75 -34.27
CA PHE B 491 -5.72 -8.78 -35.19
C PHE B 491 -4.23 -8.98 -35.34
N ILE B 492 -3.54 -9.39 -34.28
CA ILE B 492 -2.09 -9.57 -34.33
C ILE B 492 -1.73 -10.76 -35.19
N THR B 493 -2.36 -11.91 -34.93
CA THR B 493 -1.90 -13.16 -35.54
C THR B 493 -2.34 -13.29 -37.00
N LYS B 494 -3.55 -12.86 -37.33
CA LYS B 494 -4.03 -13.01 -38.70
C LYS B 494 -3.56 -11.87 -39.61
N ASN B 495 -2.79 -10.92 -39.08
CA ASN B 495 -2.25 -9.78 -39.81
C ASN B 495 -3.24 -9.15 -40.78
#